data_1FYN
# 
_entry.id   1FYN 
# 
_audit_conform.dict_name       mmcif_pdbx.dic 
_audit_conform.dict_version    5.386 
_audit_conform.dict_location   http://mmcif.pdb.org/dictionaries/ascii/mmcif_pdbx.dic 
# 
loop_
_database_2.database_id 
_database_2.database_code 
_database_2.pdbx_database_accession 
_database_2.pdbx_DOI 
PDB   1FYN         pdb_00001fyn 10.2210/pdb1fyn/pdb 
WWPDB D_1000173463 ?            ?                   
# 
loop_
_pdbx_audit_revision_history.ordinal 
_pdbx_audit_revision_history.data_content_type 
_pdbx_audit_revision_history.major_revision 
_pdbx_audit_revision_history.minor_revision 
_pdbx_audit_revision_history.revision_date 
1 'Structure model' 1 0 1996-11-08 
2 'Structure model' 1 1 2008-03-24 
3 'Structure model' 1 2 2011-07-13 
4 'Structure model' 1 3 2024-02-07 
# 
_pdbx_audit_revision_details.ordinal             1 
_pdbx_audit_revision_details.revision_ordinal    1 
_pdbx_audit_revision_details.data_content_type   'Structure model' 
_pdbx_audit_revision_details.provider            repository 
_pdbx_audit_revision_details.type                'Initial release' 
_pdbx_audit_revision_details.description         ? 
_pdbx_audit_revision_details.details             ? 
# 
loop_
_pdbx_audit_revision_group.ordinal 
_pdbx_audit_revision_group.revision_ordinal 
_pdbx_audit_revision_group.data_content_type 
_pdbx_audit_revision_group.group 
1 2 'Structure model' 'Version format compliance' 
2 3 'Structure model' 'Version format compliance' 
3 4 'Structure model' 'Data collection'           
4 4 'Structure model' 'Database references'       
5 4 'Structure model' Other                       
# 
loop_
_pdbx_audit_revision_category.ordinal 
_pdbx_audit_revision_category.revision_ordinal 
_pdbx_audit_revision_category.data_content_type 
_pdbx_audit_revision_category.category 
1 4 'Structure model' chem_comp_atom       
2 4 'Structure model' chem_comp_bond       
3 4 'Structure model' database_2           
4 4 'Structure model' pdbx_database_status 
# 
loop_
_pdbx_audit_revision_item.ordinal 
_pdbx_audit_revision_item.revision_ordinal 
_pdbx_audit_revision_item.data_content_type 
_pdbx_audit_revision_item.item 
1 4 'Structure model' '_database_2.pdbx_DOI'                
2 4 'Structure model' '_database_2.pdbx_database_accession' 
3 4 'Structure model' '_pdbx_database_status.process_site'  
# 
_pdbx_database_status.status_code                     REL 
_pdbx_database_status.entry_id                        1FYN 
_pdbx_database_status.recvd_initial_deposition_date   1995-05-17 
_pdbx_database_status.deposit_site                    ? 
_pdbx_database_status.process_site                    BNL 
_pdbx_database_status.SG_entry                        . 
_pdbx_database_status.pdb_format_compatible           Y 
_pdbx_database_status.status_code_mr                  ? 
_pdbx_database_status.status_code_sf                  ? 
_pdbx_database_status.status_code_cs                  ? 
_pdbx_database_status.status_code_nmr_data            ? 
_pdbx_database_status.methods_development_category    ? 
# 
loop_
_audit_author.name 
_audit_author.pdbx_ordinal 
'Musacchio, A.' 1 
'Saraste, M.'   2 
'Wilmanns, M.'  3 
# 
_citation.id                        primary 
_citation.title                     
'High-resolution crystal structures of tyrosine kinase SH3 domains complexed with proline-rich peptides.' 
_citation.journal_abbrev            Nat.Struct.Biol. 
_citation.journal_volume            1 
_citation.page_first                546 
_citation.page_last                 551 
_citation.year                      1994 
_citation.journal_id_ASTM           NSBIEW 
_citation.country                   US 
_citation.journal_id_ISSN           1072-8368 
_citation.journal_id_CSD            2024 
_citation.book_publisher            ? 
_citation.pdbx_database_id_PubMed   7664083 
_citation.pdbx_database_id_DOI      10.1038/nsb0894-546 
# 
loop_
_citation_author.citation_id 
_citation_author.name 
_citation_author.ordinal 
_citation_author.identifier_ORCID 
primary 'Musacchio, A.' 1 ? 
primary 'Saraste, M.'   2 ? 
primary 'Wilmanns, M.'  3 ? 
# 
loop_
_entity.id 
_entity.type 
_entity.src_method 
_entity.pdbx_description 
_entity.formula_weight 
_entity.pdbx_number_of_molecules 
_entity.pdbx_ec 
_entity.pdbx_mutation 
_entity.pdbx_fragment 
_entity.details 
1 polymer man 'PHOSPHOTRANSFERASE FYN' 6953.491 1  2.7.1.112 ? 'SH3 DOMAIN' ?                                 
2 polymer man 3BP-2                    1031.201 1  ?         ? ?            'SYNTHETIC PEPTIDE (PPAYPPPPPVP)' 
3 water   nat water                    18.015   37 ?         ? ?            ?                                 
# 
_entity_name_com.entity_id   1 
_entity_name_com.name        'PROTO-ONCOGENE TYROSINE KINASE' 
# 
loop_
_entity_poly.entity_id 
_entity_poly.type 
_entity_poly.nstd_linkage 
_entity_poly.nstd_monomer 
_entity_poly.pdbx_seq_one_letter_code 
_entity_poly.pdbx_seq_one_letter_code_can 
_entity_poly.pdbx_strand_id 
_entity_poly.pdbx_target_identifier 
1 'polypeptide(L)' no no GTGVTLFVALYDYEARTEDDLSFHKGEKFQILNSSEGDWWEARSLTTGETGYIPSNYVAPVD 
GTGVTLFVALYDYEARTEDDLSFHKGEKFQILNSSEGDWWEARSLTTGETGYIPSNYVAPVD A ? 
2 'polypeptide(L)' no no PPAYPPPPVP                                                     PPAYPPPPVP B ? 
# 
_pdbx_entity_nonpoly.entity_id   3 
_pdbx_entity_nonpoly.name        water 
_pdbx_entity_nonpoly.comp_id     HOH 
# 
loop_
_entity_poly_seq.entity_id 
_entity_poly_seq.num 
_entity_poly_seq.mon_id 
_entity_poly_seq.hetero 
1 1  GLY n 
1 2  THR n 
1 3  GLY n 
1 4  VAL n 
1 5  THR n 
1 6  LEU n 
1 7  PHE n 
1 8  VAL n 
1 9  ALA n 
1 10 LEU n 
1 11 TYR n 
1 12 ASP n 
1 13 TYR n 
1 14 GLU n 
1 15 ALA n 
1 16 ARG n 
1 17 THR n 
1 18 GLU n 
1 19 ASP n 
1 20 ASP n 
1 21 LEU n 
1 22 SER n 
1 23 PHE n 
1 24 HIS n 
1 25 LYS n 
1 26 GLY n 
1 27 GLU n 
1 28 LYS n 
1 29 PHE n 
1 30 GLN n 
1 31 ILE n 
1 32 LEU n 
1 33 ASN n 
1 34 SER n 
1 35 SER n 
1 36 GLU n 
1 37 GLY n 
1 38 ASP n 
1 39 TRP n 
1 40 TRP n 
1 41 GLU n 
1 42 ALA n 
1 43 ARG n 
1 44 SER n 
1 45 LEU n 
1 46 THR n 
1 47 THR n 
1 48 GLY n 
1 49 GLU n 
1 50 THR n 
1 51 GLY n 
1 52 TYR n 
1 53 ILE n 
1 54 PRO n 
1 55 SER n 
1 56 ASN n 
1 57 TYR n 
1 58 VAL n 
1 59 ALA n 
1 60 PRO n 
1 61 VAL n 
1 62 ASP n 
2 1  PRO n 
2 2  PRO n 
2 3  ALA n 
2 4  TYR n 
2 5  PRO n 
2 6  PRO n 
2 7  PRO n 
2 8  PRO n 
2 9  VAL n 
2 10 PRO n 
# 
_entity_src_gen.entity_id                          1 
_entity_src_gen.pdbx_src_id                        1 
_entity_src_gen.pdbx_alt_source_flag               sample 
_entity_src_gen.pdbx_seq_type                      ? 
_entity_src_gen.pdbx_beg_seq_num                   ? 
_entity_src_gen.pdbx_end_seq_num                   ? 
_entity_src_gen.gene_src_common_name               human 
_entity_src_gen.gene_src_genus                     Homo 
_entity_src_gen.pdbx_gene_src_gene                 'FYN TYROSINE KINASE' 
_entity_src_gen.gene_src_species                   ? 
_entity_src_gen.gene_src_strain                    'BL21 DE3' 
_entity_src_gen.gene_src_tissue                    ? 
_entity_src_gen.gene_src_tissue_fraction           ? 
_entity_src_gen.gene_src_details                   ? 
_entity_src_gen.pdbx_gene_src_fragment             ? 
_entity_src_gen.pdbx_gene_src_scientific_name      'Homo sapiens' 
_entity_src_gen.pdbx_gene_src_ncbi_taxonomy_id     9606 
_entity_src_gen.pdbx_gene_src_variant              ? 
_entity_src_gen.pdbx_gene_src_cell_line            ? 
_entity_src_gen.pdbx_gene_src_atcc                 ? 
_entity_src_gen.pdbx_gene_src_organ                ? 
_entity_src_gen.pdbx_gene_src_organelle            ? 
_entity_src_gen.pdbx_gene_src_cell                 ? 
_entity_src_gen.pdbx_gene_src_cellular_location    ? 
_entity_src_gen.host_org_common_name               ? 
_entity_src_gen.pdbx_host_org_scientific_name      'Escherichia coli' 
_entity_src_gen.pdbx_host_org_ncbi_taxonomy_id     562 
_entity_src_gen.host_org_genus                     Escherichia 
_entity_src_gen.pdbx_host_org_gene                 ? 
_entity_src_gen.pdbx_host_org_organ                ? 
_entity_src_gen.host_org_species                   ? 
_entity_src_gen.pdbx_host_org_tissue               ? 
_entity_src_gen.pdbx_host_org_tissue_fraction      ? 
_entity_src_gen.pdbx_host_org_strain               ? 
_entity_src_gen.pdbx_host_org_variant              ? 
_entity_src_gen.pdbx_host_org_cell_line            ? 
_entity_src_gen.pdbx_host_org_atcc                 ? 
_entity_src_gen.pdbx_host_org_culture_collection   ? 
_entity_src_gen.pdbx_host_org_cell                 ? 
_entity_src_gen.pdbx_host_org_organelle            ? 
_entity_src_gen.pdbx_host_org_cellular_location    ? 
_entity_src_gen.pdbx_host_org_vector_type          ? 
_entity_src_gen.pdbx_host_org_vector               ? 
_entity_src_gen.host_org_details                   ? 
_entity_src_gen.expression_system_id               ? 
_entity_src_gen.plasmid_name                       ? 
_entity_src_gen.plasmid_details                    ? 
_entity_src_gen.pdbx_description                   ? 
# 
_pdbx_entity_src_syn.entity_id              2 
_pdbx_entity_src_syn.pdbx_src_id            1 
_pdbx_entity_src_syn.pdbx_alt_source_flag   sample 
_pdbx_entity_src_syn.pdbx_beg_seq_num       ? 
_pdbx_entity_src_syn.pdbx_end_seq_num       ? 
_pdbx_entity_src_syn.organism_scientific    ? 
_pdbx_entity_src_syn.organism_common_name   ? 
_pdbx_entity_src_syn.ncbi_taxonomy_id       ? 
_pdbx_entity_src_syn.details                'CHEMICALLY SYNTHESIZED' 
# 
loop_
_chem_comp.id 
_chem_comp.type 
_chem_comp.mon_nstd_flag 
_chem_comp.name 
_chem_comp.pdbx_synonyms 
_chem_comp.formula 
_chem_comp.formula_weight 
ALA 'L-peptide linking' y ALANINE         ? 'C3 H7 N O2'     89.093  
ARG 'L-peptide linking' y ARGININE        ? 'C6 H15 N4 O2 1' 175.209 
ASN 'L-peptide linking' y ASPARAGINE      ? 'C4 H8 N2 O3'    132.118 
ASP 'L-peptide linking' y 'ASPARTIC ACID' ? 'C4 H7 N O4'     133.103 
GLN 'L-peptide linking' y GLUTAMINE       ? 'C5 H10 N2 O3'   146.144 
GLU 'L-peptide linking' y 'GLUTAMIC ACID' ? 'C5 H9 N O4'     147.129 
GLY 'peptide linking'   y GLYCINE         ? 'C2 H5 N O2'     75.067  
HIS 'L-peptide linking' y HISTIDINE       ? 'C6 H10 N3 O2 1' 156.162 
HOH non-polymer         . WATER           ? 'H2 O'           18.015  
ILE 'L-peptide linking' y ISOLEUCINE      ? 'C6 H13 N O2'    131.173 
LEU 'L-peptide linking' y LEUCINE         ? 'C6 H13 N O2'    131.173 
LYS 'L-peptide linking' y LYSINE          ? 'C6 H15 N2 O2 1' 147.195 
PHE 'L-peptide linking' y PHENYLALANINE   ? 'C9 H11 N O2'    165.189 
PRO 'L-peptide linking' y PROLINE         ? 'C5 H9 N O2'     115.130 
SER 'L-peptide linking' y SERINE          ? 'C3 H7 N O3'     105.093 
THR 'L-peptide linking' y THREONINE       ? 'C4 H9 N O3'     119.119 
TRP 'L-peptide linking' y TRYPTOPHAN      ? 'C11 H12 N2 O2'  204.225 
TYR 'L-peptide linking' y TYROSINE        ? 'C9 H11 N O3'    181.189 
VAL 'L-peptide linking' y VALINE          ? 'C5 H11 N O2'    117.146 
# 
loop_
_pdbx_poly_seq_scheme.asym_id 
_pdbx_poly_seq_scheme.entity_id 
_pdbx_poly_seq_scheme.seq_id 
_pdbx_poly_seq_scheme.mon_id 
_pdbx_poly_seq_scheme.ndb_seq_num 
_pdbx_poly_seq_scheme.pdb_seq_num 
_pdbx_poly_seq_scheme.auth_seq_num 
_pdbx_poly_seq_scheme.pdb_mon_id 
_pdbx_poly_seq_scheme.auth_mon_id 
_pdbx_poly_seq_scheme.pdb_strand_id 
_pdbx_poly_seq_scheme.pdb_ins_code 
_pdbx_poly_seq_scheme.hetero 
A 1 1  GLY 1  81  81  GLY GLY A . n 
A 1 2  THR 2  82  82  THR THR A . n 
A 1 3  GLY 3  83  83  GLY GLY A . n 
A 1 4  VAL 4  84  84  VAL VAL A . n 
A 1 5  THR 5  85  85  THR THR A . n 
A 1 6  LEU 6  86  86  LEU LEU A . n 
A 1 7  PHE 7  87  87  PHE PHE A . n 
A 1 8  VAL 8  88  88  VAL VAL A . n 
A 1 9  ALA 9  89  89  ALA ALA A . n 
A 1 10 LEU 10 90  90  LEU LEU A . n 
A 1 11 TYR 11 91  91  TYR TYR A . n 
A 1 12 ASP 12 92  92  ASP ASP A . n 
A 1 13 TYR 13 93  93  TYR TYR A . n 
A 1 14 GLU 14 94  94  GLU GLU A . n 
A 1 15 ALA 15 95  95  ALA ALA A . n 
A 1 16 ARG 16 96  96  ARG ARG A . n 
A 1 17 THR 17 97  97  THR THR A . n 
A 1 18 GLU 18 98  98  GLU GLU A . n 
A 1 19 ASP 19 99  99  ASP ASP A . n 
A 1 20 ASP 20 100 100 ASP ASP A . n 
A 1 21 LEU 21 101 101 LEU LEU A . n 
A 1 22 SER 22 102 102 SER SER A . n 
A 1 23 PHE 23 103 103 PHE PHE A . n 
A 1 24 HIS 24 104 104 HIS HIS A . n 
A 1 25 LYS 25 105 105 LYS LYS A . n 
A 1 26 GLY 26 106 106 GLY GLY A . n 
A 1 27 GLU 27 107 107 GLU GLU A . n 
A 1 28 LYS 28 108 108 LYS LYS A . n 
A 1 29 PHE 29 109 109 PHE PHE A . n 
A 1 30 GLN 30 110 110 GLN GLN A . n 
A 1 31 ILE 31 111 111 ILE ILE A . n 
A 1 32 LEU 32 112 112 LEU LEU A . n 
A 1 33 ASN 33 113 113 ASN ASN A . n 
A 1 34 SER 34 114 114 SER SER A . n 
A 1 35 SER 35 115 115 SER SER A . n 
A 1 36 GLU 36 116 116 GLU GLU A . n 
A 1 37 GLY 37 117 117 GLY GLY A . n 
A 1 38 ASP 38 118 118 ASP ASP A . n 
A 1 39 TRP 39 119 119 TRP TRP A . n 
A 1 40 TRP 40 120 120 TRP TRP A . n 
A 1 41 GLU 41 121 121 GLU GLU A . n 
A 1 42 ALA 42 122 122 ALA ALA A . n 
A 1 43 ARG 43 123 123 ARG ARG A . n 
A 1 44 SER 44 124 124 SER SER A . n 
A 1 45 LEU 45 125 125 LEU LEU A . n 
A 1 46 THR 46 126 126 THR THR A . n 
A 1 47 THR 47 127 127 THR THR A . n 
A 1 48 GLY 48 128 128 GLY GLY A . n 
A 1 49 GLU 49 129 129 GLU GLU A . n 
A 1 50 THR 50 130 130 THR THR A . n 
A 1 51 GLY 51 131 131 GLY GLY A . n 
A 1 52 TYR 52 132 132 TYR TYR A . n 
A 1 53 ILE 53 133 133 ILE ILE A . n 
A 1 54 PRO 54 134 134 PRO PRO A . n 
A 1 55 SER 55 135 135 SER SER A . n 
A 1 56 ASN 56 136 136 ASN ASN A . n 
A 1 57 TYR 57 137 137 TYR TYR A . n 
A 1 58 VAL 58 138 138 VAL VAL A . n 
A 1 59 ALA 59 139 139 ALA ALA A . n 
A 1 60 PRO 60 140 140 PRO PRO A . n 
A 1 61 VAL 61 141 141 VAL VAL A . n 
A 1 62 ASP 62 142 142 ASP ASP A . n 
B 2 1  PRO 1  1   1   PRO PRO B . n 
B 2 2  PRO 2  2   2   PRO PRO B . n 
B 2 3  ALA 3  3   3   ALA ALA B . n 
B 2 4  TYR 4  4   4   TYR TYR B . n 
B 2 5  PRO 5  5   5   PRO PRO B . n 
B 2 6  PRO 6  6   6   PRO PRO B . n 
B 2 7  PRO 7  7   7   PRO PRO B . n 
B 2 8  PRO 8  8   8   PRO PRO B . n 
B 2 9  VAL 9  9   9   VAL VAL B . n 
B 2 10 PRO 10 10  10  PRO PRO B . n 
# 
loop_
_pdbx_nonpoly_scheme.asym_id 
_pdbx_nonpoly_scheme.entity_id 
_pdbx_nonpoly_scheme.mon_id 
_pdbx_nonpoly_scheme.ndb_seq_num 
_pdbx_nonpoly_scheme.pdb_seq_num 
_pdbx_nonpoly_scheme.auth_seq_num 
_pdbx_nonpoly_scheme.pdb_mon_id 
_pdbx_nonpoly_scheme.auth_mon_id 
_pdbx_nonpoly_scheme.pdb_strand_id 
_pdbx_nonpoly_scheme.pdb_ins_code 
C 3 HOH 1  1  1  HOH HOH A . 
C 3 HOH 2  2  2  HOH HOH A . 
C 3 HOH 3  3  3  HOH HOH A . 
C 3 HOH 4  4  4  HOH HOH A . 
C 3 HOH 5  5  5  HOH HOH A . 
C 3 HOH 6  6  6  HOH HOH A . 
C 3 HOH 7  7  7  HOH HOH A . 
C 3 HOH 8  8  8  HOH HOH A . 
C 3 HOH 9  9  9  HOH HOH A . 
C 3 HOH 10 10 10 HOH HOH A . 
C 3 HOH 11 11 11 HOH HOH A . 
C 3 HOH 12 12 12 HOH HOH A . 
C 3 HOH 13 13 13 HOH HOH A . 
C 3 HOH 14 14 14 HOH HOH A . 
C 3 HOH 15 15 15 HOH HOH A . 
C 3 HOH 16 16 16 HOH HOH A . 
C 3 HOH 17 17 17 HOH HOH A . 
C 3 HOH 18 18 18 HOH HOH A . 
C 3 HOH 19 19 19 HOH HOH A . 
C 3 HOH 20 20 20 HOH HOH A . 
C 3 HOH 21 21 21 HOH HOH A . 
C 3 HOH 22 22 22 HOH HOH A . 
C 3 HOH 23 23 23 HOH HOH A . 
C 3 HOH 24 24 24 HOH HOH A . 
C 3 HOH 25 25 25 HOH HOH A . 
C 3 HOH 26 26 26 HOH HOH A . 
C 3 HOH 27 28 28 HOH HOH A . 
C 3 HOH 28 29 29 HOH HOH A . 
C 3 HOH 29 30 30 HOH HOH A . 
C 3 HOH 30 31 31 HOH HOH A . 
C 3 HOH 31 32 32 HOH HOH A . 
C 3 HOH 32 33 33 HOH HOH A . 
C 3 HOH 33 34 34 HOH HOH A . 
C 3 HOH 34 35 35 HOH HOH A . 
C 3 HOH 35 36 36 HOH HOH A . 
C 3 HOH 36 37 37 HOH HOH A . 
D 3 HOH 1  27 27 HOH HOH B . 
# 
loop_
_pdbx_unobs_or_zero_occ_atoms.id 
_pdbx_unobs_or_zero_occ_atoms.PDB_model_num 
_pdbx_unobs_or_zero_occ_atoms.polymer_flag 
_pdbx_unobs_or_zero_occ_atoms.occupancy_flag 
_pdbx_unobs_or_zero_occ_atoms.auth_asym_id 
_pdbx_unobs_or_zero_occ_atoms.auth_comp_id 
_pdbx_unobs_or_zero_occ_atoms.auth_seq_id 
_pdbx_unobs_or_zero_occ_atoms.PDB_ins_code 
_pdbx_unobs_or_zero_occ_atoms.auth_atom_id 
_pdbx_unobs_or_zero_occ_atoms.label_alt_id 
_pdbx_unobs_or_zero_occ_atoms.label_asym_id 
_pdbx_unobs_or_zero_occ_atoms.label_comp_id 
_pdbx_unobs_or_zero_occ_atoms.label_seq_id 
_pdbx_unobs_or_zero_occ_atoms.label_atom_id 
1  1 Y 1 A GLU 94 ? CG  ? A GLU 14 CG  
2  1 Y 1 A GLU 94 ? CD  ? A GLU 14 CD  
3  1 Y 1 A GLU 94 ? OE1 ? A GLU 14 OE1 
4  1 Y 1 A GLU 94 ? OE2 ? A GLU 14 OE2 
5  1 Y 1 A ARG 96 ? CG  ? A ARG 16 CG  
6  1 Y 1 A ARG 96 ? CD  ? A ARG 16 CD  
7  1 Y 1 A ARG 96 ? NE  ? A ARG 16 NE  
8  1 Y 1 A ARG 96 ? CZ  ? A ARG 16 CZ  
9  1 Y 1 A ARG 96 ? NH1 ? A ARG 16 NH1 
10 1 Y 1 A ARG 96 ? NH2 ? A ARG 16 NH2 
11 1 Y 1 B PRO 1  ? CG  ? B PRO 1  CG  
12 1 Y 1 B PRO 1  ? CD  ? B PRO 1  CD  
# 
loop_
_software.name 
_software.classification 
_software.version 
_software.citation_id 
_software.pdbx_ordinal 
X-PLOR 'model building' . ? 1 
X-PLOR refinement       . ? 2 
X-PLOR phasing          . ? 3 
# 
_cell.entry_id           1FYN 
_cell.length_a           42.000 
_cell.length_b           43.300 
_cell.length_c           65.400 
_cell.angle_alpha        90.00 
_cell.angle_beta         90.00 
_cell.angle_gamma        90.00 
_cell.Z_PDB              8 
_cell.pdbx_unique_axis   ? 
# 
_symmetry.entry_id                         1FYN 
_symmetry.space_group_name_H-M             'I 2 2 2' 
_symmetry.pdbx_full_space_group_name_H-M   ? 
_symmetry.cell_setting                     ? 
_symmetry.Int_Tables_number                23 
# 
_exptl.entry_id          1FYN 
_exptl.method            'X-RAY DIFFRACTION' 
_exptl.crystals_number   ? 
# 
_exptl_crystal.id                    1 
_exptl_crystal.density_meas          ? 
_exptl_crystal.density_Matthews      1.86 
_exptl_crystal.density_percent_sol   33.86 
_exptl_crystal.description           ? 
# 
_diffrn.id                     1 
_diffrn.ambient_temp           ? 
_diffrn.ambient_temp_details   ? 
_diffrn.crystal_id             1 
# 
_diffrn_radiation.diffrn_id                        1 
_diffrn_radiation.wavelength_id                    1 
_diffrn_radiation.pdbx_monochromatic_or_laue_m_l   M 
_diffrn_radiation.monochromator                    ? 
_diffrn_radiation.pdbx_diffrn_protocol             'SINGLE WAVELENGTH' 
_diffrn_radiation.pdbx_scattering_type             x-ray 
# 
_diffrn_radiation_wavelength.id           1 
_diffrn_radiation_wavelength.wavelength   . 
_diffrn_radiation_wavelength.wt           1.0 
# 
_diffrn_source.diffrn_id                   1 
_diffrn_source.source                      ? 
_diffrn_source.type                        ? 
_diffrn_source.pdbx_synchrotron_site       ? 
_diffrn_source.pdbx_synchrotron_beamline   ? 
_diffrn_source.pdbx_wavelength             ? 
_diffrn_source.pdbx_wavelength_list        ? 
# 
_refine.entry_id                                 1FYN 
_refine.ls_number_reflns_obs                     ? 
_refine.ls_number_reflns_all                     ? 
_refine.pdbx_ls_sigma_I                          ? 
_refine.pdbx_ls_sigma_F                          ? 
_refine.pdbx_data_cutoff_high_absF               ? 
_refine.pdbx_data_cutoff_low_absF                ? 
_refine.pdbx_data_cutoff_high_rms_absF           ? 
_refine.ls_d_res_low                             ? 
_refine.ls_d_res_high                            2.30 
_refine.ls_percent_reflns_obs                    ? 
_refine.ls_R_factor_obs                          0.2340000 
_refine.ls_R_factor_all                          ? 
_refine.ls_R_factor_R_work                       0.2340000 
_refine.ls_R_factor_R_free                       ? 
_refine.ls_R_factor_R_free_error                 ? 
_refine.ls_R_factor_R_free_error_details         ? 
_refine.ls_percent_reflns_R_free                 ? 
_refine.ls_number_reflns_R_free                  ? 
_refine.ls_number_parameters                     ? 
_refine.ls_number_restraints                     ? 
_refine.occupancy_min                            ? 
_refine.occupancy_max                            ? 
_refine.B_iso_mean                               ? 
_refine.aniso_B[1][1]                            ? 
_refine.aniso_B[2][2]                            ? 
_refine.aniso_B[3][3]                            ? 
_refine.aniso_B[1][2]                            ? 
_refine.aniso_B[1][3]                            ? 
_refine.aniso_B[2][3]                            ? 
_refine.solvent_model_details                    ? 
_refine.solvent_model_param_ksol                 ? 
_refine.solvent_model_param_bsol                 ? 
_refine.pdbx_ls_cross_valid_method               ? 
_refine.details                                  
;THE 3BP2 PEPTIDE LIES ON A CRYSTALLOGRAPHIC TWO-FOLD AXIS,
I.E., IT IS DISORDERED.  OCCUPANCY OF PEPTIDE ATOMS HAS
BEEN SET TO 0.5.
;
_refine.pdbx_starting_model                      ? 
_refine.pdbx_method_to_determine_struct          ? 
_refine.pdbx_isotropic_thermal_model             ? 
_refine.pdbx_stereochemistry_target_values       ? 
_refine.pdbx_stereochem_target_val_spec_case     ? 
_refine.pdbx_R_Free_selection_details            ? 
_refine.pdbx_overall_ESU_R                       ? 
_refine.pdbx_overall_ESU_R_Free                  ? 
_refine.overall_SU_ML                            ? 
_refine.overall_SU_B                             ? 
_refine.pdbx_refine_id                           'X-RAY DIFFRACTION' 
_refine.pdbx_diffrn_id                           1 
_refine.pdbx_TLS_residual_ADP_flag               ? 
_refine.correlation_coeff_Fo_to_Fc               ? 
_refine.correlation_coeff_Fo_to_Fc_free          ? 
_refine.pdbx_solvent_vdw_probe_radii             ? 
_refine.pdbx_solvent_ion_probe_radii             ? 
_refine.pdbx_solvent_shrinkage_radii             ? 
_refine.pdbx_overall_phase_error                 ? 
_refine.overall_SU_R_Cruickshank_DPI             ? 
_refine.pdbx_overall_SU_R_free_Cruickshank_DPI   ? 
_refine.pdbx_overall_SU_R_Blow_DPI               ? 
_refine.pdbx_overall_SU_R_free_Blow_DPI          ? 
# 
_refine_hist.pdbx_refine_id                   'X-RAY DIFFRACTION' 
_refine_hist.cycle_id                         LAST 
_refine_hist.pdbx_number_atoms_protein        55 
_refine_hist.pdbx_number_atoms_nucleic_acid   0 
_refine_hist.pdbx_number_atoms_ligand         0 
_refine_hist.number_atoms_solvent             37 
_refine_hist.number_atoms_total               92 
_refine_hist.d_res_high                       2.30 
_refine_hist.d_res_low                        . 
# 
loop_
_refine_ls_restr.type 
_refine_ls_restr.dev_ideal 
_refine_ls_restr.dev_ideal_target 
_refine_ls_restr.weight 
_refine_ls_restr.number 
_refine_ls_restr.pdbx_refine_id 
_refine_ls_restr.pdbx_restraint_function 
x_bond_d                0.033 ? ? ? 'X-RAY DIFFRACTION' ? 
x_bond_d_na             ?     ? ? ? 'X-RAY DIFFRACTION' ? 
x_bond_d_prot           ?     ? ? ? 'X-RAY DIFFRACTION' ? 
x_angle_d               ?     ? ? ? 'X-RAY DIFFRACTION' ? 
x_angle_d_na            ?     ? ? ? 'X-RAY DIFFRACTION' ? 
x_angle_d_prot          ?     ? ? ? 'X-RAY DIFFRACTION' ? 
x_angle_deg             1.61  ? ? ? 'X-RAY DIFFRACTION' ? 
x_angle_deg_na          ?     ? ? ? 'X-RAY DIFFRACTION' ? 
x_angle_deg_prot        ?     ? ? ? 'X-RAY DIFFRACTION' ? 
x_dihedral_angle_d      ?     ? ? ? 'X-RAY DIFFRACTION' ? 
x_dihedral_angle_d_na   ?     ? ? ? 'X-RAY DIFFRACTION' ? 
x_dihedral_angle_d_prot ?     ? ? ? 'X-RAY DIFFRACTION' ? 
x_improper_angle_d      ?     ? ? ? 'X-RAY DIFFRACTION' ? 
x_improper_angle_d_na   ?     ? ? ? 'X-RAY DIFFRACTION' ? 
x_improper_angle_d_prot ?     ? ? ? 'X-RAY DIFFRACTION' ? 
x_mcbond_it             ?     ? ? ? 'X-RAY DIFFRACTION' ? 
x_mcangle_it            ?     ? ? ? 'X-RAY DIFFRACTION' ? 
x_scbond_it             ?     ? ? ? 'X-RAY DIFFRACTION' ? 
x_scangle_it            ?     ? ? ? 'X-RAY DIFFRACTION' ? 
# 
_struct.entry_id                  1FYN 
_struct.title                     PHOSPHOTRANSFERASE 
_struct.pdbx_model_details        ? 
_struct.pdbx_CASP_flag            ? 
_struct.pdbx_model_type_details   ? 
# 
_struct_keywords.entry_id        1FYN 
_struct_keywords.pdbx_keywords   TRANSFERASE 
_struct_keywords.text            
;PROTO-ONCOGENE, TRANSFERASE, TYROSINE-PROTEIN KINASE, PHOSPHORYLATION, ATP-BINDING, MYRISTYLATION, SH3 DOMAIN, COMPLEX (PHOSPHOTRANSFERASE-PEPTIDE)
;
# 
loop_
_struct_asym.id 
_struct_asym.pdbx_blank_PDB_chainid_flag 
_struct_asym.pdbx_modified 
_struct_asym.entity_id 
_struct_asym.details 
A N N 1 ? 
B N N 2 ? 
C N N 3 ? 
D N N 3 ? 
# 
loop_
_struct_ref.id 
_struct_ref.db_name 
_struct_ref.db_code 
_struct_ref.entity_id 
_struct_ref.pdbx_db_accession 
_struct_ref.pdbx_align_begin 
_struct_ref.pdbx_seq_one_letter_code 
_struct_ref.pdbx_db_isoform 
1 UNP FYN_HUMAN 1 P06241 1 
;GCVQCKDKEATKLTEERDGSLNQSSGYRYGTDPTPQHYPSFGVTSIPNYNNFHAAGGQGLTVFGGVNSSSHTGTLRTRGG
TGVTLFVALYDYEARTEDDLSFHKGEKFQILNSSEGDWWEARSLTTGETGYIPSNYVAPVDSIQAEEWYFGKLGRKDAER
QLLSFGNPRGTFLIRESETTKGAYSLSIRDWDDMKGDHVKHYKIRKLDNGGYYITTRAQFETLQQLVQHYSERAAGLCCR
LVVPCHKGMPRLTDLSVKTKDVWEIPRESLQLIKRLGNGQFGEVWMGTWNGNTKVAIKTLKPGTMSPESFLEEAQIMKKL
KHDKLVQLYAVVSEEPIYIVTEYMNKGSLLDFLKDGEGRALKLPNLVDMAAQVAAGMAYIERMNYIHRDLRSANILVGNG
LICKIADFGLARLIEDNEYTARQGAKFPIKWTAPEAALYGRFTIKSDVWSFGILLTELVTKGRVPYPGMNNREVLEQVER
GYRMPCPQDCPISLHELMIHCWKKDPEERPTFEYLQSFLEDYFTATEPQYQPGENL
;
? 
2 PDB 1FYN      2 1FYN   ? ? ? 
# 
loop_
_struct_ref_seq.align_id 
_struct_ref_seq.ref_id 
_struct_ref_seq.pdbx_PDB_id_code 
_struct_ref_seq.pdbx_strand_id 
_struct_ref_seq.seq_align_beg 
_struct_ref_seq.pdbx_seq_align_beg_ins_code 
_struct_ref_seq.seq_align_end 
_struct_ref_seq.pdbx_seq_align_end_ins_code 
_struct_ref_seq.pdbx_db_accession 
_struct_ref_seq.db_align_beg 
_struct_ref_seq.pdbx_db_align_beg_ins_code 
_struct_ref_seq.db_align_end 
_struct_ref_seq.pdbx_db_align_end_ins_code 
_struct_ref_seq.pdbx_auth_seq_align_beg 
_struct_ref_seq.pdbx_auth_seq_align_end 
1 1 1FYN A 1 ? 62 ? P06241 80 ? 141 ? 81 142 
2 2 1FYN B 1 ? 10 ? 1FYN   1  ? 10  ? 1  10  
# 
_pdbx_struct_assembly.id                   1 
_pdbx_struct_assembly.details              author_defined_assembly 
_pdbx_struct_assembly.method_details       ? 
_pdbx_struct_assembly.oligomeric_details   dimeric 
_pdbx_struct_assembly.oligomeric_count     2 
# 
_pdbx_struct_assembly_gen.assembly_id       1 
_pdbx_struct_assembly_gen.oper_expression   1 
_pdbx_struct_assembly_gen.asym_id_list      A,B,C,D 
# 
_pdbx_struct_oper_list.id                   1 
_pdbx_struct_oper_list.type                 'identity operation' 
_pdbx_struct_oper_list.name                 1_555 
_pdbx_struct_oper_list.symmetry_operation   x,y,z 
_pdbx_struct_oper_list.matrix[1][1]         1.0000000000 
_pdbx_struct_oper_list.matrix[1][2]         0.0000000000 
_pdbx_struct_oper_list.matrix[1][3]         0.0000000000 
_pdbx_struct_oper_list.vector[1]            0.0000000000 
_pdbx_struct_oper_list.matrix[2][1]         0.0000000000 
_pdbx_struct_oper_list.matrix[2][2]         1.0000000000 
_pdbx_struct_oper_list.matrix[2][3]         0.0000000000 
_pdbx_struct_oper_list.vector[2]            0.0000000000 
_pdbx_struct_oper_list.matrix[3][1]         0.0000000000 
_pdbx_struct_oper_list.matrix[3][2]         0.0000000000 
_pdbx_struct_oper_list.matrix[3][3]         1.0000000000 
_pdbx_struct_oper_list.vector[3]            0.0000000000 
# 
_struct_biol.id   1 
# 
_struct_conf.conf_type_id            HELX_P 
_struct_conf.id                      HELX_P1 
_struct_conf.pdbx_PDB_helix_id       1 
_struct_conf.beg_label_comp_id       SER 
_struct_conf.beg_label_asym_id       A 
_struct_conf.beg_label_seq_id        55 
_struct_conf.pdbx_beg_PDB_ins_code   ? 
_struct_conf.end_label_comp_id       TYR 
_struct_conf.end_label_asym_id       A 
_struct_conf.end_label_seq_id        57 
_struct_conf.pdbx_end_PDB_ins_code   ? 
_struct_conf.beg_auth_comp_id        SER 
_struct_conf.beg_auth_asym_id        A 
_struct_conf.beg_auth_seq_id         135 
_struct_conf.end_auth_comp_id        TYR 
_struct_conf.end_auth_asym_id        A 
_struct_conf.end_auth_seq_id         137 
_struct_conf.pdbx_PDB_helix_class    5 
_struct_conf.details                 ? 
_struct_conf.pdbx_PDB_helix_length   3 
# 
_struct_conf_type.id          HELX_P 
_struct_conf_type.criteria    ? 
_struct_conf_type.reference   ? 
# 
_struct_sheet.id               A 
_struct_sheet.type             ? 
_struct_sheet.number_strands   5 
_struct_sheet.details          ? 
# 
loop_
_struct_sheet_order.sheet_id 
_struct_sheet_order.range_id_1 
_struct_sheet_order.range_id_2 
_struct_sheet_order.offset 
_struct_sheet_order.sense 
A 1 2 ? anti-parallel 
A 2 3 ? anti-parallel 
A 3 4 ? anti-parallel 
A 4 5 ? anti-parallel 
# 
loop_
_struct_sheet_range.sheet_id 
_struct_sheet_range.id 
_struct_sheet_range.beg_label_comp_id 
_struct_sheet_range.beg_label_asym_id 
_struct_sheet_range.beg_label_seq_id 
_struct_sheet_range.pdbx_beg_PDB_ins_code 
_struct_sheet_range.end_label_comp_id 
_struct_sheet_range.end_label_asym_id 
_struct_sheet_range.end_label_seq_id 
_struct_sheet_range.pdbx_end_PDB_ins_code 
_struct_sheet_range.beg_auth_comp_id 
_struct_sheet_range.beg_auth_asym_id 
_struct_sheet_range.beg_auth_seq_id 
_struct_sheet_range.end_auth_comp_id 
_struct_sheet_range.end_auth_asym_id 
_struct_sheet_range.end_auth_seq_id 
A 1 VAL A 58 ? PRO A 60 ? VAL A 138 PRO A 140 
A 2 LEU A 6  ? ALA A 9  ? LEU A 86  ALA A 89  
A 3 LYS A 28 ? ASN A 33 ? LYS A 108 ASN A 113 
A 4 TRP A 39 ? SER A 44 ? TRP A 119 SER A 124 
A 5 THR A 50 ? PRO A 54 ? THR A 130 PRO A 134 
# 
loop_
_pdbx_struct_sheet_hbond.sheet_id 
_pdbx_struct_sheet_hbond.range_id_1 
_pdbx_struct_sheet_hbond.range_id_2 
_pdbx_struct_sheet_hbond.range_1_label_atom_id 
_pdbx_struct_sheet_hbond.range_1_label_comp_id 
_pdbx_struct_sheet_hbond.range_1_label_asym_id 
_pdbx_struct_sheet_hbond.range_1_label_seq_id 
_pdbx_struct_sheet_hbond.range_1_PDB_ins_code 
_pdbx_struct_sheet_hbond.range_1_auth_atom_id 
_pdbx_struct_sheet_hbond.range_1_auth_comp_id 
_pdbx_struct_sheet_hbond.range_1_auth_asym_id 
_pdbx_struct_sheet_hbond.range_1_auth_seq_id 
_pdbx_struct_sheet_hbond.range_2_label_atom_id 
_pdbx_struct_sheet_hbond.range_2_label_comp_id 
_pdbx_struct_sheet_hbond.range_2_label_asym_id 
_pdbx_struct_sheet_hbond.range_2_label_seq_id 
_pdbx_struct_sheet_hbond.range_2_PDB_ins_code 
_pdbx_struct_sheet_hbond.range_2_auth_atom_id 
_pdbx_struct_sheet_hbond.range_2_auth_comp_id 
_pdbx_struct_sheet_hbond.range_2_auth_asym_id 
_pdbx_struct_sheet_hbond.range_2_auth_seq_id 
A 1 2 O ALA A 59 ? O ALA A 139 N VAL A 8  ? N VAL A 88  
A 2 3 O PHE A 7  ? O PHE A 87  N PHE A 29 ? N PHE A 109 
A 3 4 O GLN A 30 ? O GLN A 110 N ARG A 43 ? N ARG A 123 
A 4 5 O TRP A 40 ? O TRP A 120 N ILE A 53 ? N ILE A 133 
# 
loop_
_pdbx_validate_symm_contact.id 
_pdbx_validate_symm_contact.PDB_model_num 
_pdbx_validate_symm_contact.auth_atom_id_1 
_pdbx_validate_symm_contact.auth_asym_id_1 
_pdbx_validate_symm_contact.auth_comp_id_1 
_pdbx_validate_symm_contact.auth_seq_id_1 
_pdbx_validate_symm_contact.PDB_ins_code_1 
_pdbx_validate_symm_contact.label_alt_id_1 
_pdbx_validate_symm_contact.site_symmetry_1 
_pdbx_validate_symm_contact.auth_atom_id_2 
_pdbx_validate_symm_contact.auth_asym_id_2 
_pdbx_validate_symm_contact.auth_comp_id_2 
_pdbx_validate_symm_contact.auth_seq_id_2 
_pdbx_validate_symm_contact.PDB_ins_code_2 
_pdbx_validate_symm_contact.label_alt_id_2 
_pdbx_validate_symm_contact.site_symmetry_2 
_pdbx_validate_symm_contact.dist 
1 1 O   A THR 126 ? ? 1_555 O A HOH 31 ? ? 2_655 1.22 
2 1 C   A THR 126 ? ? 1_555 O A HOH 31 ? ? 2_655 1.53 
3 1 O   A HOH 24  ? ? 1_555 O A HOH 24 ? ? 3_655 2.00 
4 1 CA  A THR 126 ? ? 1_555 O A HOH 31 ? ? 2_655 2.04 
5 1 O   A HOH 30  ? ? 1_555 O A HOH 37 ? ? 2_655 2.08 
6 1 CE1 B TYR 4   ? ? 1_555 O A HOH 22 ? ? 4_555 2.14 
# 
_pdbx_validate_rmsd_bond.id                        1 
_pdbx_validate_rmsd_bond.PDB_model_num             1 
_pdbx_validate_rmsd_bond.auth_atom_id_1            N 
_pdbx_validate_rmsd_bond.auth_asym_id_1            B 
_pdbx_validate_rmsd_bond.auth_comp_id_1            ALA 
_pdbx_validate_rmsd_bond.auth_seq_id_1             3 
_pdbx_validate_rmsd_bond.PDB_ins_code_1            ? 
_pdbx_validate_rmsd_bond.label_alt_id_1            ? 
_pdbx_validate_rmsd_bond.auth_atom_id_2            CA 
_pdbx_validate_rmsd_bond.auth_asym_id_2            B 
_pdbx_validate_rmsd_bond.auth_comp_id_2            ALA 
_pdbx_validate_rmsd_bond.auth_seq_id_2             3 
_pdbx_validate_rmsd_bond.PDB_ins_code_2            ? 
_pdbx_validate_rmsd_bond.label_alt_id_2            ? 
_pdbx_validate_rmsd_bond.bond_value                1.632 
_pdbx_validate_rmsd_bond.bond_target_value         1.459 
_pdbx_validate_rmsd_bond.bond_deviation            0.173 
_pdbx_validate_rmsd_bond.bond_standard_deviation   0.020 
_pdbx_validate_rmsd_bond.linker_flag               N 
# 
loop_
_pdbx_validate_rmsd_angle.id 
_pdbx_validate_rmsd_angle.PDB_model_num 
_pdbx_validate_rmsd_angle.auth_atom_id_1 
_pdbx_validate_rmsd_angle.auth_asym_id_1 
_pdbx_validate_rmsd_angle.auth_comp_id_1 
_pdbx_validate_rmsd_angle.auth_seq_id_1 
_pdbx_validate_rmsd_angle.PDB_ins_code_1 
_pdbx_validate_rmsd_angle.label_alt_id_1 
_pdbx_validate_rmsd_angle.auth_atom_id_2 
_pdbx_validate_rmsd_angle.auth_asym_id_2 
_pdbx_validate_rmsd_angle.auth_comp_id_2 
_pdbx_validate_rmsd_angle.auth_seq_id_2 
_pdbx_validate_rmsd_angle.PDB_ins_code_2 
_pdbx_validate_rmsd_angle.label_alt_id_2 
_pdbx_validate_rmsd_angle.auth_atom_id_3 
_pdbx_validate_rmsd_angle.auth_asym_id_3 
_pdbx_validate_rmsd_angle.auth_comp_id_3 
_pdbx_validate_rmsd_angle.auth_seq_id_3 
_pdbx_validate_rmsd_angle.PDB_ins_code_3 
_pdbx_validate_rmsd_angle.label_alt_id_3 
_pdbx_validate_rmsd_angle.angle_value 
_pdbx_validate_rmsd_angle.angle_target_value 
_pdbx_validate_rmsd_angle.angle_deviation 
_pdbx_validate_rmsd_angle.angle_standard_deviation 
_pdbx_validate_rmsd_angle.linker_flag 
1 1 CA  B ALA 3 ? ? C   B ALA 3 ? ? N   B TYR 4 ? ? 97.61  117.20 -19.59 2.20 Y 
2 1 O   B ALA 3 ? ? C   B ALA 3 ? ? N   B TYR 4 ? ? 142.27 122.70 19.57  1.60 Y 
3 1 C   B ALA 3 ? ? N   B TYR 4 ? ? CA  B TYR 4 ? ? 137.81 121.70 16.11  2.50 Y 
4 1 N   B TYR 4 ? ? CA  B TYR 4 ? ? CB  B TYR 4 ? ? 89.11  110.60 -21.49 1.80 N 
5 1 CB  B TYR 4 ? ? CG  B TYR 4 ? ? CD2 B TYR 4 ? ? 114.29 121.00 -6.71  0.60 N 
6 1 CD1 B TYR 4 ? ? CG  B TYR 4 ? ? CD2 B TYR 4 ? ? 125.62 117.90 7.72   1.10 N 
7 1 CG  B TYR 4 ? ? CD1 B TYR 4 ? ? CE1 B TYR 4 ? ? 116.17 121.30 -5.13  0.80 N 
8 1 N   B TYR 4 ? ? CA  B TYR 4 ? ? C   B TYR 4 ? ? 88.26  111.00 -22.74 2.70 N 
# 
loop_
_pdbx_validate_torsion.id 
_pdbx_validate_torsion.PDB_model_num 
_pdbx_validate_torsion.auth_comp_id 
_pdbx_validate_torsion.auth_asym_id 
_pdbx_validate_torsion.auth_seq_id 
_pdbx_validate_torsion.PDB_ins_code 
_pdbx_validate_torsion.label_alt_id 
_pdbx_validate_torsion.phi 
_pdbx_validate_torsion.psi 
1 1 THR A 82 ? ? 74.89   -54.16 
2 1 ALA B 3  ? ? 32.04   78.87  
3 1 TYR B 4  ? ? -165.96 116.60 
# 
_pdbx_entry_details.entry_id                 1FYN 
_pdbx_entry_details.compound_details         
;THIS ENTRY CONTAINS COORDINATES OF THE COMPLEX BETWEEN THE
SH3 DOMAIN OF FYN TYROSINE KINASE AND A 10-RESIDUE
SYNTHETIC PEPTIDE WITH THE SEQUENCE, PPAYPPPPPVP.
;
_pdbx_entry_details.source_details           ? 
_pdbx_entry_details.nonpolymer_details       ? 
_pdbx_entry_details.sequence_details         ? 
_pdbx_entry_details.has_ligand_of_interest   ? 
# 
loop_
_chem_comp_atom.comp_id 
_chem_comp_atom.atom_id 
_chem_comp_atom.type_symbol 
_chem_comp_atom.pdbx_aromatic_flag 
_chem_comp_atom.pdbx_stereo_config 
_chem_comp_atom.pdbx_ordinal 
ALA N    N N N 1   
ALA CA   C N S 2   
ALA C    C N N 3   
ALA O    O N N 4   
ALA CB   C N N 5   
ALA OXT  O N N 6   
ALA H    H N N 7   
ALA H2   H N N 8   
ALA HA   H N N 9   
ALA HB1  H N N 10  
ALA HB2  H N N 11  
ALA HB3  H N N 12  
ALA HXT  H N N 13  
ARG N    N N N 14  
ARG CA   C N S 15  
ARG C    C N N 16  
ARG O    O N N 17  
ARG CB   C N N 18  
ARG CG   C N N 19  
ARG CD   C N N 20  
ARG NE   N N N 21  
ARG CZ   C N N 22  
ARG NH1  N N N 23  
ARG NH2  N N N 24  
ARG OXT  O N N 25  
ARG H    H N N 26  
ARG H2   H N N 27  
ARG HA   H N N 28  
ARG HB2  H N N 29  
ARG HB3  H N N 30  
ARG HG2  H N N 31  
ARG HG3  H N N 32  
ARG HD2  H N N 33  
ARG HD3  H N N 34  
ARG HE   H N N 35  
ARG HH11 H N N 36  
ARG HH12 H N N 37  
ARG HH21 H N N 38  
ARG HH22 H N N 39  
ARG HXT  H N N 40  
ASN N    N N N 41  
ASN CA   C N S 42  
ASN C    C N N 43  
ASN O    O N N 44  
ASN CB   C N N 45  
ASN CG   C N N 46  
ASN OD1  O N N 47  
ASN ND2  N N N 48  
ASN OXT  O N N 49  
ASN H    H N N 50  
ASN H2   H N N 51  
ASN HA   H N N 52  
ASN HB2  H N N 53  
ASN HB3  H N N 54  
ASN HD21 H N N 55  
ASN HD22 H N N 56  
ASN HXT  H N N 57  
ASP N    N N N 58  
ASP CA   C N S 59  
ASP C    C N N 60  
ASP O    O N N 61  
ASP CB   C N N 62  
ASP CG   C N N 63  
ASP OD1  O N N 64  
ASP OD2  O N N 65  
ASP OXT  O N N 66  
ASP H    H N N 67  
ASP H2   H N N 68  
ASP HA   H N N 69  
ASP HB2  H N N 70  
ASP HB3  H N N 71  
ASP HD2  H N N 72  
ASP HXT  H N N 73  
GLN N    N N N 74  
GLN CA   C N S 75  
GLN C    C N N 76  
GLN O    O N N 77  
GLN CB   C N N 78  
GLN CG   C N N 79  
GLN CD   C N N 80  
GLN OE1  O N N 81  
GLN NE2  N N N 82  
GLN OXT  O N N 83  
GLN H    H N N 84  
GLN H2   H N N 85  
GLN HA   H N N 86  
GLN HB2  H N N 87  
GLN HB3  H N N 88  
GLN HG2  H N N 89  
GLN HG3  H N N 90  
GLN HE21 H N N 91  
GLN HE22 H N N 92  
GLN HXT  H N N 93  
GLU N    N N N 94  
GLU CA   C N S 95  
GLU C    C N N 96  
GLU O    O N N 97  
GLU CB   C N N 98  
GLU CG   C N N 99  
GLU CD   C N N 100 
GLU OE1  O N N 101 
GLU OE2  O N N 102 
GLU OXT  O N N 103 
GLU H    H N N 104 
GLU H2   H N N 105 
GLU HA   H N N 106 
GLU HB2  H N N 107 
GLU HB3  H N N 108 
GLU HG2  H N N 109 
GLU HG3  H N N 110 
GLU HE2  H N N 111 
GLU HXT  H N N 112 
GLY N    N N N 113 
GLY CA   C N N 114 
GLY C    C N N 115 
GLY O    O N N 116 
GLY OXT  O N N 117 
GLY H    H N N 118 
GLY H2   H N N 119 
GLY HA2  H N N 120 
GLY HA3  H N N 121 
GLY HXT  H N N 122 
HIS N    N N N 123 
HIS CA   C N S 124 
HIS C    C N N 125 
HIS O    O N N 126 
HIS CB   C N N 127 
HIS CG   C Y N 128 
HIS ND1  N Y N 129 
HIS CD2  C Y N 130 
HIS CE1  C Y N 131 
HIS NE2  N Y N 132 
HIS OXT  O N N 133 
HIS H    H N N 134 
HIS H2   H N N 135 
HIS HA   H N N 136 
HIS HB2  H N N 137 
HIS HB3  H N N 138 
HIS HD1  H N N 139 
HIS HD2  H N N 140 
HIS HE1  H N N 141 
HIS HE2  H N N 142 
HIS HXT  H N N 143 
HOH O    O N N 144 
HOH H1   H N N 145 
HOH H2   H N N 146 
ILE N    N N N 147 
ILE CA   C N S 148 
ILE C    C N N 149 
ILE O    O N N 150 
ILE CB   C N S 151 
ILE CG1  C N N 152 
ILE CG2  C N N 153 
ILE CD1  C N N 154 
ILE OXT  O N N 155 
ILE H    H N N 156 
ILE H2   H N N 157 
ILE HA   H N N 158 
ILE HB   H N N 159 
ILE HG12 H N N 160 
ILE HG13 H N N 161 
ILE HG21 H N N 162 
ILE HG22 H N N 163 
ILE HG23 H N N 164 
ILE HD11 H N N 165 
ILE HD12 H N N 166 
ILE HD13 H N N 167 
ILE HXT  H N N 168 
LEU N    N N N 169 
LEU CA   C N S 170 
LEU C    C N N 171 
LEU O    O N N 172 
LEU CB   C N N 173 
LEU CG   C N N 174 
LEU CD1  C N N 175 
LEU CD2  C N N 176 
LEU OXT  O N N 177 
LEU H    H N N 178 
LEU H2   H N N 179 
LEU HA   H N N 180 
LEU HB2  H N N 181 
LEU HB3  H N N 182 
LEU HG   H N N 183 
LEU HD11 H N N 184 
LEU HD12 H N N 185 
LEU HD13 H N N 186 
LEU HD21 H N N 187 
LEU HD22 H N N 188 
LEU HD23 H N N 189 
LEU HXT  H N N 190 
LYS N    N N N 191 
LYS CA   C N S 192 
LYS C    C N N 193 
LYS O    O N N 194 
LYS CB   C N N 195 
LYS CG   C N N 196 
LYS CD   C N N 197 
LYS CE   C N N 198 
LYS NZ   N N N 199 
LYS OXT  O N N 200 
LYS H    H N N 201 
LYS H2   H N N 202 
LYS HA   H N N 203 
LYS HB2  H N N 204 
LYS HB3  H N N 205 
LYS HG2  H N N 206 
LYS HG3  H N N 207 
LYS HD2  H N N 208 
LYS HD3  H N N 209 
LYS HE2  H N N 210 
LYS HE3  H N N 211 
LYS HZ1  H N N 212 
LYS HZ2  H N N 213 
LYS HZ3  H N N 214 
LYS HXT  H N N 215 
PHE N    N N N 216 
PHE CA   C N S 217 
PHE C    C N N 218 
PHE O    O N N 219 
PHE CB   C N N 220 
PHE CG   C Y N 221 
PHE CD1  C Y N 222 
PHE CD2  C Y N 223 
PHE CE1  C Y N 224 
PHE CE2  C Y N 225 
PHE CZ   C Y N 226 
PHE OXT  O N N 227 
PHE H    H N N 228 
PHE H2   H N N 229 
PHE HA   H N N 230 
PHE HB2  H N N 231 
PHE HB3  H N N 232 
PHE HD1  H N N 233 
PHE HD2  H N N 234 
PHE HE1  H N N 235 
PHE HE2  H N N 236 
PHE HZ   H N N 237 
PHE HXT  H N N 238 
PRO N    N N N 239 
PRO CA   C N S 240 
PRO C    C N N 241 
PRO O    O N N 242 
PRO CB   C N N 243 
PRO CG   C N N 244 
PRO CD   C N N 245 
PRO OXT  O N N 246 
PRO H    H N N 247 
PRO HA   H N N 248 
PRO HB2  H N N 249 
PRO HB3  H N N 250 
PRO HG2  H N N 251 
PRO HG3  H N N 252 
PRO HD2  H N N 253 
PRO HD3  H N N 254 
PRO HXT  H N N 255 
SER N    N N N 256 
SER CA   C N S 257 
SER C    C N N 258 
SER O    O N N 259 
SER CB   C N N 260 
SER OG   O N N 261 
SER OXT  O N N 262 
SER H    H N N 263 
SER H2   H N N 264 
SER HA   H N N 265 
SER HB2  H N N 266 
SER HB3  H N N 267 
SER HG   H N N 268 
SER HXT  H N N 269 
THR N    N N N 270 
THR CA   C N S 271 
THR C    C N N 272 
THR O    O N N 273 
THR CB   C N R 274 
THR OG1  O N N 275 
THR CG2  C N N 276 
THR OXT  O N N 277 
THR H    H N N 278 
THR H2   H N N 279 
THR HA   H N N 280 
THR HB   H N N 281 
THR HG1  H N N 282 
THR HG21 H N N 283 
THR HG22 H N N 284 
THR HG23 H N N 285 
THR HXT  H N N 286 
TRP N    N N N 287 
TRP CA   C N S 288 
TRP C    C N N 289 
TRP O    O N N 290 
TRP CB   C N N 291 
TRP CG   C Y N 292 
TRP CD1  C Y N 293 
TRP CD2  C Y N 294 
TRP NE1  N Y N 295 
TRP CE2  C Y N 296 
TRP CE3  C Y N 297 
TRP CZ2  C Y N 298 
TRP CZ3  C Y N 299 
TRP CH2  C Y N 300 
TRP OXT  O N N 301 
TRP H    H N N 302 
TRP H2   H N N 303 
TRP HA   H N N 304 
TRP HB2  H N N 305 
TRP HB3  H N N 306 
TRP HD1  H N N 307 
TRP HE1  H N N 308 
TRP HE3  H N N 309 
TRP HZ2  H N N 310 
TRP HZ3  H N N 311 
TRP HH2  H N N 312 
TRP HXT  H N N 313 
TYR N    N N N 314 
TYR CA   C N S 315 
TYR C    C N N 316 
TYR O    O N N 317 
TYR CB   C N N 318 
TYR CG   C Y N 319 
TYR CD1  C Y N 320 
TYR CD2  C Y N 321 
TYR CE1  C Y N 322 
TYR CE2  C Y N 323 
TYR CZ   C Y N 324 
TYR OH   O N N 325 
TYR OXT  O N N 326 
TYR H    H N N 327 
TYR H2   H N N 328 
TYR HA   H N N 329 
TYR HB2  H N N 330 
TYR HB3  H N N 331 
TYR HD1  H N N 332 
TYR HD2  H N N 333 
TYR HE1  H N N 334 
TYR HE2  H N N 335 
TYR HH   H N N 336 
TYR HXT  H N N 337 
VAL N    N N N 338 
VAL CA   C N S 339 
VAL C    C N N 340 
VAL O    O N N 341 
VAL CB   C N N 342 
VAL CG1  C N N 343 
VAL CG2  C N N 344 
VAL OXT  O N N 345 
VAL H    H N N 346 
VAL H2   H N N 347 
VAL HA   H N N 348 
VAL HB   H N N 349 
VAL HG11 H N N 350 
VAL HG12 H N N 351 
VAL HG13 H N N 352 
VAL HG21 H N N 353 
VAL HG22 H N N 354 
VAL HG23 H N N 355 
VAL HXT  H N N 356 
# 
loop_
_chem_comp_bond.comp_id 
_chem_comp_bond.atom_id_1 
_chem_comp_bond.atom_id_2 
_chem_comp_bond.value_order 
_chem_comp_bond.pdbx_aromatic_flag 
_chem_comp_bond.pdbx_stereo_config 
_chem_comp_bond.pdbx_ordinal 
ALA N   CA   sing N N 1   
ALA N   H    sing N N 2   
ALA N   H2   sing N N 3   
ALA CA  C    sing N N 4   
ALA CA  CB   sing N N 5   
ALA CA  HA   sing N N 6   
ALA C   O    doub N N 7   
ALA C   OXT  sing N N 8   
ALA CB  HB1  sing N N 9   
ALA CB  HB2  sing N N 10  
ALA CB  HB3  sing N N 11  
ALA OXT HXT  sing N N 12  
ARG N   CA   sing N N 13  
ARG N   H    sing N N 14  
ARG N   H2   sing N N 15  
ARG CA  C    sing N N 16  
ARG CA  CB   sing N N 17  
ARG CA  HA   sing N N 18  
ARG C   O    doub N N 19  
ARG C   OXT  sing N N 20  
ARG CB  CG   sing N N 21  
ARG CB  HB2  sing N N 22  
ARG CB  HB3  sing N N 23  
ARG CG  CD   sing N N 24  
ARG CG  HG2  sing N N 25  
ARG CG  HG3  sing N N 26  
ARG CD  NE   sing N N 27  
ARG CD  HD2  sing N N 28  
ARG CD  HD3  sing N N 29  
ARG NE  CZ   sing N N 30  
ARG NE  HE   sing N N 31  
ARG CZ  NH1  sing N N 32  
ARG CZ  NH2  doub N N 33  
ARG NH1 HH11 sing N N 34  
ARG NH1 HH12 sing N N 35  
ARG NH2 HH21 sing N N 36  
ARG NH2 HH22 sing N N 37  
ARG OXT HXT  sing N N 38  
ASN N   CA   sing N N 39  
ASN N   H    sing N N 40  
ASN N   H2   sing N N 41  
ASN CA  C    sing N N 42  
ASN CA  CB   sing N N 43  
ASN CA  HA   sing N N 44  
ASN C   O    doub N N 45  
ASN C   OXT  sing N N 46  
ASN CB  CG   sing N N 47  
ASN CB  HB2  sing N N 48  
ASN CB  HB3  sing N N 49  
ASN CG  OD1  doub N N 50  
ASN CG  ND2  sing N N 51  
ASN ND2 HD21 sing N N 52  
ASN ND2 HD22 sing N N 53  
ASN OXT HXT  sing N N 54  
ASP N   CA   sing N N 55  
ASP N   H    sing N N 56  
ASP N   H2   sing N N 57  
ASP CA  C    sing N N 58  
ASP CA  CB   sing N N 59  
ASP CA  HA   sing N N 60  
ASP C   O    doub N N 61  
ASP C   OXT  sing N N 62  
ASP CB  CG   sing N N 63  
ASP CB  HB2  sing N N 64  
ASP CB  HB3  sing N N 65  
ASP CG  OD1  doub N N 66  
ASP CG  OD2  sing N N 67  
ASP OD2 HD2  sing N N 68  
ASP OXT HXT  sing N N 69  
GLN N   CA   sing N N 70  
GLN N   H    sing N N 71  
GLN N   H2   sing N N 72  
GLN CA  C    sing N N 73  
GLN CA  CB   sing N N 74  
GLN CA  HA   sing N N 75  
GLN C   O    doub N N 76  
GLN C   OXT  sing N N 77  
GLN CB  CG   sing N N 78  
GLN CB  HB2  sing N N 79  
GLN CB  HB3  sing N N 80  
GLN CG  CD   sing N N 81  
GLN CG  HG2  sing N N 82  
GLN CG  HG3  sing N N 83  
GLN CD  OE1  doub N N 84  
GLN CD  NE2  sing N N 85  
GLN NE2 HE21 sing N N 86  
GLN NE2 HE22 sing N N 87  
GLN OXT HXT  sing N N 88  
GLU N   CA   sing N N 89  
GLU N   H    sing N N 90  
GLU N   H2   sing N N 91  
GLU CA  C    sing N N 92  
GLU CA  CB   sing N N 93  
GLU CA  HA   sing N N 94  
GLU C   O    doub N N 95  
GLU C   OXT  sing N N 96  
GLU CB  CG   sing N N 97  
GLU CB  HB2  sing N N 98  
GLU CB  HB3  sing N N 99  
GLU CG  CD   sing N N 100 
GLU CG  HG2  sing N N 101 
GLU CG  HG3  sing N N 102 
GLU CD  OE1  doub N N 103 
GLU CD  OE2  sing N N 104 
GLU OE2 HE2  sing N N 105 
GLU OXT HXT  sing N N 106 
GLY N   CA   sing N N 107 
GLY N   H    sing N N 108 
GLY N   H2   sing N N 109 
GLY CA  C    sing N N 110 
GLY CA  HA2  sing N N 111 
GLY CA  HA3  sing N N 112 
GLY C   O    doub N N 113 
GLY C   OXT  sing N N 114 
GLY OXT HXT  sing N N 115 
HIS N   CA   sing N N 116 
HIS N   H    sing N N 117 
HIS N   H2   sing N N 118 
HIS CA  C    sing N N 119 
HIS CA  CB   sing N N 120 
HIS CA  HA   sing N N 121 
HIS C   O    doub N N 122 
HIS C   OXT  sing N N 123 
HIS CB  CG   sing N N 124 
HIS CB  HB2  sing N N 125 
HIS CB  HB3  sing N N 126 
HIS CG  ND1  sing Y N 127 
HIS CG  CD2  doub Y N 128 
HIS ND1 CE1  doub Y N 129 
HIS ND1 HD1  sing N N 130 
HIS CD2 NE2  sing Y N 131 
HIS CD2 HD2  sing N N 132 
HIS CE1 NE2  sing Y N 133 
HIS CE1 HE1  sing N N 134 
HIS NE2 HE2  sing N N 135 
HIS OXT HXT  sing N N 136 
HOH O   H1   sing N N 137 
HOH O   H2   sing N N 138 
ILE N   CA   sing N N 139 
ILE N   H    sing N N 140 
ILE N   H2   sing N N 141 
ILE CA  C    sing N N 142 
ILE CA  CB   sing N N 143 
ILE CA  HA   sing N N 144 
ILE C   O    doub N N 145 
ILE C   OXT  sing N N 146 
ILE CB  CG1  sing N N 147 
ILE CB  CG2  sing N N 148 
ILE CB  HB   sing N N 149 
ILE CG1 CD1  sing N N 150 
ILE CG1 HG12 sing N N 151 
ILE CG1 HG13 sing N N 152 
ILE CG2 HG21 sing N N 153 
ILE CG2 HG22 sing N N 154 
ILE CG2 HG23 sing N N 155 
ILE CD1 HD11 sing N N 156 
ILE CD1 HD12 sing N N 157 
ILE CD1 HD13 sing N N 158 
ILE OXT HXT  sing N N 159 
LEU N   CA   sing N N 160 
LEU N   H    sing N N 161 
LEU N   H2   sing N N 162 
LEU CA  C    sing N N 163 
LEU CA  CB   sing N N 164 
LEU CA  HA   sing N N 165 
LEU C   O    doub N N 166 
LEU C   OXT  sing N N 167 
LEU CB  CG   sing N N 168 
LEU CB  HB2  sing N N 169 
LEU CB  HB3  sing N N 170 
LEU CG  CD1  sing N N 171 
LEU CG  CD2  sing N N 172 
LEU CG  HG   sing N N 173 
LEU CD1 HD11 sing N N 174 
LEU CD1 HD12 sing N N 175 
LEU CD1 HD13 sing N N 176 
LEU CD2 HD21 sing N N 177 
LEU CD2 HD22 sing N N 178 
LEU CD2 HD23 sing N N 179 
LEU OXT HXT  sing N N 180 
LYS N   CA   sing N N 181 
LYS N   H    sing N N 182 
LYS N   H2   sing N N 183 
LYS CA  C    sing N N 184 
LYS CA  CB   sing N N 185 
LYS CA  HA   sing N N 186 
LYS C   O    doub N N 187 
LYS C   OXT  sing N N 188 
LYS CB  CG   sing N N 189 
LYS CB  HB2  sing N N 190 
LYS CB  HB3  sing N N 191 
LYS CG  CD   sing N N 192 
LYS CG  HG2  sing N N 193 
LYS CG  HG3  sing N N 194 
LYS CD  CE   sing N N 195 
LYS CD  HD2  sing N N 196 
LYS CD  HD3  sing N N 197 
LYS CE  NZ   sing N N 198 
LYS CE  HE2  sing N N 199 
LYS CE  HE3  sing N N 200 
LYS NZ  HZ1  sing N N 201 
LYS NZ  HZ2  sing N N 202 
LYS NZ  HZ3  sing N N 203 
LYS OXT HXT  sing N N 204 
PHE N   CA   sing N N 205 
PHE N   H    sing N N 206 
PHE N   H2   sing N N 207 
PHE CA  C    sing N N 208 
PHE CA  CB   sing N N 209 
PHE CA  HA   sing N N 210 
PHE C   O    doub N N 211 
PHE C   OXT  sing N N 212 
PHE CB  CG   sing N N 213 
PHE CB  HB2  sing N N 214 
PHE CB  HB3  sing N N 215 
PHE CG  CD1  doub Y N 216 
PHE CG  CD2  sing Y N 217 
PHE CD1 CE1  sing Y N 218 
PHE CD1 HD1  sing N N 219 
PHE CD2 CE2  doub Y N 220 
PHE CD2 HD2  sing N N 221 
PHE CE1 CZ   doub Y N 222 
PHE CE1 HE1  sing N N 223 
PHE CE2 CZ   sing Y N 224 
PHE CE2 HE2  sing N N 225 
PHE CZ  HZ   sing N N 226 
PHE OXT HXT  sing N N 227 
PRO N   CA   sing N N 228 
PRO N   CD   sing N N 229 
PRO N   H    sing N N 230 
PRO CA  C    sing N N 231 
PRO CA  CB   sing N N 232 
PRO CA  HA   sing N N 233 
PRO C   O    doub N N 234 
PRO C   OXT  sing N N 235 
PRO CB  CG   sing N N 236 
PRO CB  HB2  sing N N 237 
PRO CB  HB3  sing N N 238 
PRO CG  CD   sing N N 239 
PRO CG  HG2  sing N N 240 
PRO CG  HG3  sing N N 241 
PRO CD  HD2  sing N N 242 
PRO CD  HD3  sing N N 243 
PRO OXT HXT  sing N N 244 
SER N   CA   sing N N 245 
SER N   H    sing N N 246 
SER N   H2   sing N N 247 
SER CA  C    sing N N 248 
SER CA  CB   sing N N 249 
SER CA  HA   sing N N 250 
SER C   O    doub N N 251 
SER C   OXT  sing N N 252 
SER CB  OG   sing N N 253 
SER CB  HB2  sing N N 254 
SER CB  HB3  sing N N 255 
SER OG  HG   sing N N 256 
SER OXT HXT  sing N N 257 
THR N   CA   sing N N 258 
THR N   H    sing N N 259 
THR N   H2   sing N N 260 
THR CA  C    sing N N 261 
THR CA  CB   sing N N 262 
THR CA  HA   sing N N 263 
THR C   O    doub N N 264 
THR C   OXT  sing N N 265 
THR CB  OG1  sing N N 266 
THR CB  CG2  sing N N 267 
THR CB  HB   sing N N 268 
THR OG1 HG1  sing N N 269 
THR CG2 HG21 sing N N 270 
THR CG2 HG22 sing N N 271 
THR CG2 HG23 sing N N 272 
THR OXT HXT  sing N N 273 
TRP N   CA   sing N N 274 
TRP N   H    sing N N 275 
TRP N   H2   sing N N 276 
TRP CA  C    sing N N 277 
TRP CA  CB   sing N N 278 
TRP CA  HA   sing N N 279 
TRP C   O    doub N N 280 
TRP C   OXT  sing N N 281 
TRP CB  CG   sing N N 282 
TRP CB  HB2  sing N N 283 
TRP CB  HB3  sing N N 284 
TRP CG  CD1  doub Y N 285 
TRP CG  CD2  sing Y N 286 
TRP CD1 NE1  sing Y N 287 
TRP CD1 HD1  sing N N 288 
TRP CD2 CE2  doub Y N 289 
TRP CD2 CE3  sing Y N 290 
TRP NE1 CE2  sing Y N 291 
TRP NE1 HE1  sing N N 292 
TRP CE2 CZ2  sing Y N 293 
TRP CE3 CZ3  doub Y N 294 
TRP CE3 HE3  sing N N 295 
TRP CZ2 CH2  doub Y N 296 
TRP CZ2 HZ2  sing N N 297 
TRP CZ3 CH2  sing Y N 298 
TRP CZ3 HZ3  sing N N 299 
TRP CH2 HH2  sing N N 300 
TRP OXT HXT  sing N N 301 
TYR N   CA   sing N N 302 
TYR N   H    sing N N 303 
TYR N   H2   sing N N 304 
TYR CA  C    sing N N 305 
TYR CA  CB   sing N N 306 
TYR CA  HA   sing N N 307 
TYR C   O    doub N N 308 
TYR C   OXT  sing N N 309 
TYR CB  CG   sing N N 310 
TYR CB  HB2  sing N N 311 
TYR CB  HB3  sing N N 312 
TYR CG  CD1  doub Y N 313 
TYR CG  CD2  sing Y N 314 
TYR CD1 CE1  sing Y N 315 
TYR CD1 HD1  sing N N 316 
TYR CD2 CE2  doub Y N 317 
TYR CD2 HD2  sing N N 318 
TYR CE1 CZ   doub Y N 319 
TYR CE1 HE1  sing N N 320 
TYR CE2 CZ   sing Y N 321 
TYR CE2 HE2  sing N N 322 
TYR CZ  OH   sing N N 323 
TYR OH  HH   sing N N 324 
TYR OXT HXT  sing N N 325 
VAL N   CA   sing N N 326 
VAL N   H    sing N N 327 
VAL N   H2   sing N N 328 
VAL CA  C    sing N N 329 
VAL CA  CB   sing N N 330 
VAL CA  HA   sing N N 331 
VAL C   O    doub N N 332 
VAL C   OXT  sing N N 333 
VAL CB  CG1  sing N N 334 
VAL CB  CG2  sing N N 335 
VAL CB  HB   sing N N 336 
VAL CG1 HG11 sing N N 337 
VAL CG1 HG12 sing N N 338 
VAL CG1 HG13 sing N N 339 
VAL CG2 HG21 sing N N 340 
VAL CG2 HG22 sing N N 341 
VAL CG2 HG23 sing N N 342 
VAL OXT HXT  sing N N 343 
# 
_atom_sites.entry_id                    1FYN 
_atom_sites.fract_transf_matrix[1][1]   -0.00503273 
_atom_sites.fract_transf_matrix[1][2]   -0.02155103 
_atom_sites.fract_transf_matrix[1][3]   0.00878298 
_atom_sites.fract_transf_matrix[2][1]   0.00304189 
_atom_sites.fract_transf_matrix[2][2]   -0.00924584 
_atom_sites.fract_transf_matrix[2][3]   -0.02094374 
_atom_sites.fract_transf_matrix[3][1]   0.01480919 
_atom_sites.fract_transf_matrix[3][2]   -0.00218808 
_atom_sites.fract_transf_matrix[3][3]   0.00311685 
_atom_sites.fract_transf_vector[1]      0.223335 
_atom_sites.fract_transf_vector[2]      0.100472 
_atom_sites.fract_transf_vector[3]      0.168838 
# 
loop_
_atom_type.symbol 
C 
N 
O 
# 
loop_
_atom_site.group_PDB 
_atom_site.id 
_atom_site.type_symbol 
_atom_site.label_atom_id 
_atom_site.label_alt_id 
_atom_site.label_comp_id 
_atom_site.label_asym_id 
_atom_site.label_entity_id 
_atom_site.label_seq_id 
_atom_site.pdbx_PDB_ins_code 
_atom_site.Cartn_x 
_atom_site.Cartn_y 
_atom_site.Cartn_z 
_atom_site.occupancy 
_atom_site.B_iso_or_equiv 
_atom_site.pdbx_formal_charge 
_atom_site.auth_seq_id 
_atom_site.auth_comp_id 
_atom_site.auth_asym_id 
_atom_site.auth_atom_id 
_atom_site.pdbx_PDB_model_num 
ATOM   1   N N   . GLY A 1 1  ? 16.430  6.345   -6.605  1.00 23.03 ? 81  GLY A N   1 
ATOM   2   C CA  . GLY A 1 1  ? 17.350  7.481   -6.388  1.00 21.77 ? 81  GLY A CA  1 
ATOM   3   C C   . GLY A 1 1  ? 16.538  8.703   -6.037  1.00 21.56 ? 81  GLY A C   1 
ATOM   4   O O   . GLY A 1 1  ? 15.748  9.171   -6.841  1.00 25.34 ? 81  GLY A O   1 
ATOM   5   N N   . THR A 1 2  ? 16.790  9.242   -4.854  1.00 21.09 ? 82  THR A N   1 
ATOM   6   C CA  . THR A 1 2  ? 16.092  10.391  -4.274  1.00 16.07 ? 82  THR A CA  1 
ATOM   7   C C   . THR A 1 2  ? 14.710  9.985   -3.783  1.00 13.19 ? 82  THR A C   1 
ATOM   8   O O   . THR A 1 2  ? 14.409  10.160  -2.613  1.00 14.65 ? 82  THR A O   1 
ATOM   9   C CB  . THR A 1 2  ? 16.069  11.686  -5.159  1.00 14.90 ? 82  THR A CB  1 
ATOM   10  O OG1 . THR A 1 2  ? 14.930  11.699  -6.018  1.00 14.67 ? 82  THR A OG1 1 
ATOM   11  C CG2 . THR A 1 2  ? 17.345  11.807  -5.986  1.00 18.03 ? 82  THR A CG2 1 
ATOM   12  N N   . GLY A 1 3  ? 13.898  9.384   -4.646  1.00 12.33 ? 83  GLY A N   1 
ATOM   13  C CA  . GLY A 1 3  ? 12.567  8.939   -4.251  1.00 11.74 ? 83  GLY A CA  1 
ATOM   14  C C   . GLY A 1 3  ? 12.615  7.767   -3.271  1.00 14.41 ? 83  GLY A C   1 
ATOM   15  O O   . GLY A 1 3  ? 13.391  6.826   -3.453  1.00 14.27 ? 83  GLY A O   1 
ATOM   16  N N   . VAL A 1 4  ? 11.798  7.821   -2.223  1.00 14.31 ? 84  VAL A N   1 
ATOM   17  C CA  . VAL A 1 4  ? 11.776  6.766   -1.214  1.00 12.18 ? 84  VAL A CA  1 
ATOM   18  C C   . VAL A 1 4  ? 10.719  5.726   -1.600  1.00 11.55 ? 84  VAL A C   1 
ATOM   19  O O   . VAL A 1 4  ? 9.638   6.096   -2.049  1.00 11.66 ? 84  VAL A O   1 
ATOM   20  C CB  . VAL A 1 4  ? 11.524  7.379   0.208   1.00 9.83  ? 84  VAL A CB  1 
ATOM   21  C CG1 . VAL A 1 4  ? 11.125  6.308   1.212   1.00 7.28  ? 84  VAL A CG1 1 
ATOM   22  C CG2 . VAL A 1 4  ? 12.795  8.076   0.694   1.00 7.44  ? 84  VAL A CG2 1 
ATOM   23  N N   . THR A 1 5  ? 11.043  4.437   -1.458  1.00 11.20 ? 85  THR A N   1 
ATOM   24  C CA  . THR A 1 5  ? 10.102  3.373   -1.808  1.00 11.79 ? 85  THR A CA  1 
ATOM   25  C C   . THR A 1 5  ? 9.723   2.419   -0.662  1.00 11.29 ? 85  THR A C   1 
ATOM   26  O O   . THR A 1 5  ? 8.989   1.468   -0.870  1.00 13.52 ? 85  THR A O   1 
ATOM   27  C CB  . THR A 1 5  ? 10.592  2.538   -3.021  1.00 13.45 ? 85  THR A CB  1 
ATOM   28  O OG1 . THR A 1 5  ? 11.823  1.895   -2.683  1.00 13.53 ? 85  THR A OG1 1 
ATOM   29  C CG2 . THR A 1 5  ? 10.804  3.418   -4.260  1.00 9.22  ? 85  THR A CG2 1 
ATOM   30  N N   . LEU A 1 6  ? 10.268  2.625   0.527   1.00 10.17 ? 86  LEU A N   1 
ATOM   31  C CA  . LEU A 1 6  ? 9.899   1.789   1.665   1.00 8.38  ? 86  LEU A CA  1 
ATOM   32  C C   . LEU A 1 6  ? 8.823   2.556   2.456   1.00 6.38  ? 86  LEU A C   1 
ATOM   33  O O   . LEU A 1 6  ? 8.987   3.732   2.761   1.00 5.64  ? 86  LEU A O   1 
ATOM   34  C CB  . LEU A 1 6  ? 11.126  1.475   2.522   1.00 10.66 ? 86  LEU A CB  1 
ATOM   35  C CG  . LEU A 1 6  ? 10.950  0.409   3.613   1.00 14.25 ? 86  LEU A CG  1 
ATOM   36  C CD1 . LEU A 1 6  ? 10.436  -0.914  3.042   1.00 10.97 ? 86  LEU A CD1 1 
ATOM   37  C CD2 . LEU A 1 6  ? 12.278  0.222   4.330   1.00 11.33 ? 86  LEU A CD2 1 
ATOM   38  N N   . PHE A 1 7  ? 7.692   1.914   2.710   1.00 5.30  ? 87  PHE A N   1 
ATOM   39  C CA  . PHE A 1 7  ? 6.582   2.541   3.406   1.00 2.46  ? 87  PHE A CA  1 
ATOM   40  C C   . PHE A 1 7  ? 6.085   1.666   4.531   1.00 6.01  ? 87  PHE A C   1 
ATOM   41  O O   . PHE A 1 7  ? 6.315   0.459   4.508   1.00 3.65  ? 87  PHE A O   1 
ATOM   42  C CB  . PHE A 1 7  ? 5.429   2.820   2.439   1.00 2.00  ? 87  PHE A CB  1 
ATOM   43  C CG  . PHE A 1 7  ? 5.674   3.979   1.531   1.00 2.78  ? 87  PHE A CG  1 
ATOM   44  C CD1 . PHE A 1 7  ? 6.698   3.941   0.591   1.00 6.41  ? 87  PHE A CD1 1 
ATOM   45  C CD2 . PHE A 1 7  ? 4.912   5.128   1.643   1.00 2.88  ? 87  PHE A CD2 1 
ATOM   46  C CE1 . PHE A 1 7  ? 6.954   5.045   -0.220  1.00 6.73  ? 87  PHE A CE1 1 
ATOM   47  C CE2 . PHE A 1 7  ? 5.152   6.226   0.852   1.00 2.36  ? 87  PHE A CE2 1 
ATOM   48  C CZ  . PHE A 1 7  ? 6.175   6.190   -0.083  1.00 7.01  ? 87  PHE A CZ  1 
ATOM   49  N N   . VAL A 1 8  ? 5.414   2.301   5.503   1.00 4.62  ? 88  VAL A N   1 
ATOM   50  C CA  . VAL A 1 8  ? 4.852   1.642   6.672   1.00 2.64  ? 88  VAL A CA  1 
ATOM   51  C C   . VAL A 1 8  ? 3.364   1.948   6.735   1.00 4.06  ? 88  VAL A C   1 
ATOM   52  O O   . VAL A 1 8  ? 2.926   3.038   6.338   1.00 2.34  ? 88  VAL A O   1 
ATOM   53  C CB  . VAL A 1 8  ? 5.565   2.097   7.981   1.00 5.09  ? 88  VAL A CB  1 
ATOM   54  C CG1 . VAL A 1 8  ? 5.301   3.582   8.284   1.00 6.45  ? 88  VAL A CG1 1 
ATOM   55  C CG2 . VAL A 1 8  ? 5.131   1.250   9.130   1.00 2.00  ? 88  VAL A CG2 1 
ATOM   56  N N   . ALA A 1 9  ? 2.568   0.959   7.132   1.00 5.37  ? 89  ALA A N   1 
ATOM   57  C CA  . ALA A 1 9  ? 1.127   1.162   7.221   1.00 5.91  ? 89  ALA A CA  1 
ATOM   58  C C   . ALA A 1 9  ? 0.774   1.883   8.507   1.00 5.55  ? 89  ALA A C   1 
ATOM   59  O O   . ALA A 1 9  ? 1.252   1.523   9.592   1.00 2.47  ? 89  ALA A O   1 
ATOM   60  C CB  . ALA A 1 9  ? 0.400   -0.153  7.161   1.00 6.43  ? 89  ALA A CB  1 
ATOM   61  N N   . LEU A 1 10 ? -0.079  2.885   8.377   1.00 5.40  ? 90  LEU A N   1 
ATOM   62  C CA  . LEU A 1 10 ? -0.509  3.663   9.519   1.00 9.02  ? 90  LEU A CA  1 
ATOM   63  C C   . LEU A 1 10 ? -1.794  3.099   10.124  1.00 10.54 ? 90  LEU A C   1 
ATOM   64  O O   . LEU A 1 10 ? -2.034  3.262   11.318  1.00 10.21 ? 90  LEU A O   1 
ATOM   65  C CB  . LEU A 1 10 ? -0.688  5.130   9.128   1.00 7.97  ? 90  LEU A CB  1 
ATOM   66  C CG  . LEU A 1 10 ? 0.542   5.890   8.611   1.00 7.96  ? 90  LEU A CG  1 
ATOM   67  C CD1 . LEU A 1 10 ? 0.173   7.354   8.398   1.00 6.40  ? 90  LEU A CD1 1 
ATOM   68  C CD2 . LEU A 1 10 ? 1.704   5.755   9.562   1.00 6.66  ? 90  LEU A CD2 1 
ATOM   69  N N   . TYR A 1 11 ? -2.592  2.402   9.310   1.00 12.19 ? 91  TYR A N   1 
ATOM   70  C CA  . TYR A 1 11 ? -3.848  1.798   9.767   1.00 12.32 ? 91  TYR A CA  1 
ATOM   71  C C   . TYR A 1 11 ? -3.985  0.372   9.226   1.00 14.17 ? 91  TYR A C   1 
ATOM   72  O O   . TYR A 1 11 ? -3.283  -0.017  8.294   1.00 14.79 ? 91  TYR A O   1 
ATOM   73  C CB  . TYR A 1 11 ? -5.058  2.595   9.252   1.00 14.83 ? 91  TYR A CB  1 
ATOM   74  C CG  . TYR A 1 11 ? -4.888  4.084   9.306   1.00 15.75 ? 91  TYR A CG  1 
ATOM   75  C CD1 . TYR A 1 11 ? -5.133  4.800   10.494  1.00 18.39 ? 91  TYR A CD1 1 
ATOM   76  C CD2 . TYR A 1 11 ? -4.457  4.788   8.182   1.00 10.85 ? 91  TYR A CD2 1 
ATOM   77  C CE1 . TYR A 1 11 ? -4.938  6.185   10.549  1.00 12.56 ? 91  TYR A CE1 1 
ATOM   78  C CE2 . TYR A 1 11 ? -4.260  6.154   8.228   1.00 10.94 ? 91  TYR A CE2 1 
ATOM   79  C CZ  . TYR A 1 11 ? -4.498  6.850   9.411   1.00 12.35 ? 91  TYR A CZ  1 
ATOM   80  O OH  . TYR A 1 11 ? -4.229  8.202   9.458   1.00 12.20 ? 91  TYR A OH  1 
ATOM   81  N N   . ASP A 1 12 ? -4.889  -0.398  9.830   1.00 14.28 ? 92  ASP A N   1 
ATOM   82  C CA  . ASP A 1 12 ? -5.182  -1.766  9.403   1.00 15.42 ? 92  ASP A CA  1 
ATOM   83  C C   . ASP A 1 12 ? -6.040  -1.602  8.147   1.00 13.16 ? 92  ASP A C   1 
ATOM   84  O O   . ASP A 1 12 ? -6.751  -0.611  8.020   1.00 17.36 ? 92  ASP A O   1 
ATOM   85  C CB  . ASP A 1 12 ? -6.007  -2.507  10.476  1.00 14.73 ? 92  ASP A CB  1 
ATOM   86  C CG  . ASP A 1 12 ? -5.217  -2.802  11.758  1.00 19.17 ? 92  ASP A CG  1 
ATOM   87  O OD1 . ASP A 1 12 ? -4.034  -3.214  11.698  1.00 20.37 ? 92  ASP A OD1 1 
ATOM   88  O OD2 . ASP A 1 12 ? -5.795  -2.664  12.852  1.00 24.32 ? 92  ASP A OD2 1 
ATOM   89  N N   . TYR A 1 13 ? -5.989  -2.546  7.221   1.00 11.53 ? 93  TYR A N   1 
ATOM   90  C CA  . TYR A 1 13 ? -6.801  -2.442  6.013   1.00 8.31  ? 93  TYR A CA  1 
ATOM   91  C C   . TYR A 1 13 ? -7.146  -3.839  5.567   1.00 8.19  ? 93  TYR A C   1 
ATOM   92  O O   . TYR A 1 13 ? -6.308  -4.727  5.608   1.00 8.96  ? 93  TYR A O   1 
ATOM   93  C CB  . TYR A 1 13 ? -6.044  -1.705  4.897   1.00 10.27 ? 93  TYR A CB  1 
ATOM   94  C CG  . TYR A 1 13 ? -6.798  -1.657  3.574   1.00 10.00 ? 93  TYR A CG  1 
ATOM   95  C CD1 . TYR A 1 13 ? -7.760  -0.679  3.337   1.00 9.69  ? 93  TYR A CD1 1 
ATOM   96  C CD2 . TYR A 1 13 ? -6.577  -2.617  2.586   1.00 8.08  ? 93  TYR A CD2 1 
ATOM   97  C CE1 . TYR A 1 13 ? -8.491  -0.661  2.157   1.00 11.10 ? 93  TYR A CE1 1 
ATOM   98  C CE2 . TYR A 1 13 ? -7.295  -2.611  1.406   1.00 8.62  ? 93  TYR A CE2 1 
ATOM   99  C CZ  . TYR A 1 13 ? -8.254  -1.637  1.192   1.00 11.99 ? 93  TYR A CZ  1 
ATOM   100 O OH  . TYR A 1 13 ? -9.008  -1.644  0.030   1.00 15.65 ? 93  TYR A OH  1 
ATOM   101 N N   . GLU A 1 14 ? -8.390  -4.029  5.152   1.00 8.75  ? 94  GLU A N   1 
ATOM   102 C CA  . GLU A 1 14 ? -8.879  -5.320  4.696   1.00 11.24 ? 94  GLU A CA  1 
ATOM   103 C C   . GLU A 1 14 ? -9.192  -5.228  3.219   1.00 11.64 ? 94  GLU A C   1 
ATOM   104 O O   . GLU A 1 14 ? -10.032 -4.435  2.820   1.00 13.08 ? 94  GLU A O   1 
ATOM   105 C CB  . GLU A 1 14 ? -10.151 -5.705  5.476   1.00 11.30 ? 94  GLU A CB  1 
ATOM   106 N N   . ALA A 1 15 ? -8.467  -5.980  2.409   1.00 13.89 ? 95  ALA A N   1 
ATOM   107 C CA  . ALA A 1 15 ? -8.677  -6.006  0.968   1.00 17.31 ? 95  ALA A CA  1 
ATOM   108 C C   . ALA A 1 15 ? -10.153 -6.143  0.612   1.00 23.43 ? 95  ALA A C   1 
ATOM   109 O O   . ALA A 1 15 ? -10.830 -7.079  1.078   1.00 25.57 ? 95  ALA A O   1 
ATOM   110 C CB  . ALA A 1 15 ? -7.905  -7.150  0.355   1.00 12.39 ? 95  ALA A CB  1 
ATOM   111 N N   . ARG A 1 16 ? -10.644 -5.218  -0.215  1.00 26.19 ? 96  ARG A N   1 
ATOM   112 C CA  . ARG A 1 16 ? -12.032 -5.232  -0.670  1.00 32.16 ? 96  ARG A CA  1 
ATOM   113 C C   . ARG A 1 16 ? -12.220 -6.073  -1.940  1.00 35.69 ? 96  ARG A C   1 
ATOM   114 O O   . ARG A 1 16 ? -13.253 -6.722  -2.113  1.00 37.44 ? 96  ARG A O   1 
ATOM   115 C CB  . ARG A 1 16 ? -12.517 -3.807  -0.917  1.00 33.72 ? 96  ARG A CB  1 
ATOM   116 N N   . THR A 1 17 ? -11.217 -6.050  -2.820  1.00 38.32 ? 97  THR A N   1 
ATOM   117 C CA  . THR A 1 17 ? -11.241 -6.783  -4.091  1.00 37.06 ? 97  THR A CA  1 
ATOM   118 C C   . THR A 1 17 ? -10.162 -7.883  -4.144  1.00 36.60 ? 97  THR A C   1 
ATOM   119 O O   . THR A 1 17 ? -9.460  -8.137  -3.155  1.00 36.42 ? 97  THR A O   1 
ATOM   120 C CB  . THR A 1 17 ? -11.090 -5.779  -5.290  1.00 37.05 ? 97  THR A CB  1 
ATOM   121 O OG1 . THR A 1 17 ? -10.842 -6.477  -6.515  1.00 37.96 ? 97  THR A OG1 1 
ATOM   122 C CG2 . THR A 1 17 ? -9.961  -4.797  -5.032  1.00 37.86 ? 97  THR A CG2 1 
ATOM   123 N N   . GLU A 1 18 ? -10.056 -8.546  -5.293  1.00 36.33 ? 98  GLU A N   1 
ATOM   124 C CA  . GLU A 1 18 ? -9.072  -9.609  -5.492  1.00 36.39 ? 98  GLU A CA  1 
ATOM   125 C C   . GLU A 1 18 ? -7.695  -9.027  -5.766  1.00 30.94 ? 98  GLU A C   1 
ATOM   126 O O   . GLU A 1 18 ? -6.698  -9.672  -5.521  1.00 31.73 ? 98  GLU A O   1 
ATOM   127 C CB  . GLU A 1 18 ? -9.485  -10.535 -6.654  1.00 41.00 ? 98  GLU A CB  1 
ATOM   128 C CG  . GLU A 1 18 ? -9.447  -9.880  -8.036  1.00 49.07 ? 98  GLU A CG  1 
ATOM   129 C CD  . GLU A 1 18 ? -9.975  -10.778 -9.150  1.00 52.00 ? 98  GLU A CD  1 
ATOM   130 O OE1 . GLU A 1 18 ? -9.172  -11.537 -9.741  1.00 55.13 ? 98  GLU A OE1 1 
ATOM   131 O OE2 . GLU A 1 18 ? -11.192 -10.709 -9.446  1.00 54.38 ? 98  GLU A OE2 1 
ATOM   132 N N   . ASP A 1 19 ? -7.650  -7.794  -6.256  1.00 30.14 ? 99  ASP A N   1 
ATOM   133 C CA  . ASP A 1 19 ? -6.379  -7.139  -6.564  1.00 28.32 ? 99  ASP A CA  1 
ATOM   134 C C   . ASP A 1 19 ? -5.636  -6.474  -5.401  1.00 23.59 ? 99  ASP A C   1 
ATOM   135 O O   . ASP A 1 19 ? -4.404  -6.435  -5.406  1.00 21.01 ? 99  ASP A O   1 
ATOM   136 C CB  . ASP A 1 19 ? -6.558  -6.124  -7.704  1.00 33.59 ? 99  ASP A CB  1 
ATOM   137 C CG  . ASP A 1 19 ? -6.869  -6.787  -9.043  1.00 38.76 ? 99  ASP A CG  1 
ATOM   138 O OD1 . ASP A 1 19 ? -6.430  -7.937  -9.275  1.00 43.75 ? 99  ASP A OD1 1 
ATOM   139 O OD2 . ASP A 1 19 ? -7.558  -6.151  -9.869  1.00 41.18 ? 99  ASP A OD2 1 
ATOM   140 N N   . ASP A 1 20 ? -6.366  -5.912  -4.436  1.00 19.88 ? 100 ASP A N   1 
ATOM   141 C CA  . ASP A 1 20 ? -5.719  -5.239  -3.310  1.00 16.99 ? 100 ASP A CA  1 
ATOM   142 C C   . ASP A 1 20 ? -5.249  -6.150  -2.178  1.00 13.45 ? 100 ASP A C   1 
ATOM   143 O O   . ASP A 1 20 ? -5.715  -7.281  -2.042  1.00 11.85 ? 100 ASP A O   1 
ATOM   144 C CB  . ASP A 1 20 ? -6.580  -4.084  -2.775  1.00 20.77 ? 100 ASP A CB  1 
ATOM   145 C CG  . ASP A 1 20 ? -7.927  -4.537  -2.237  1.00 26.23 ? 100 ASP A CG  1 
ATOM   146 O OD1 . ASP A 1 20 ? -8.273  -5.732  -2.381  1.00 33.19 ? 100 ASP A OD1 1 
ATOM   147 O OD2 . ASP A 1 20 ? -8.653  -3.690  -1.677  1.00 23.15 ? 100 ASP A OD2 1 
ATOM   148 N N   . LEU A 1 21 ? -4.279  -5.649  -1.416  1.00 11.68 ? 101 LEU A N   1 
ATOM   149 C CA  . LEU A 1 21 ? -3.679  -6.324  -0.274  1.00 7.71  ? 101 LEU A CA  1 
ATOM   150 C C   . LEU A 1 21 ? -4.312  -5.892  1.069   1.00 8.71  ? 101 LEU A C   1 
ATOM   151 O O   . LEU A 1 21 ? -4.769  -4.756  1.202   1.00 10.83 ? 101 LEU A O   1 
ATOM   152 C CB  . LEU A 1 21 ? -2.175  -5.988  -0.257  1.00 7.16  ? 101 LEU A CB  1 
ATOM   153 C CG  . LEU A 1 21 ? -1.154  -7.073  -0.662  1.00 8.46  ? 101 LEU A CG  1 
ATOM   154 C CD1 . LEU A 1 21 ? -1.670  -7.781  -1.876  1.00 6.77  ? 101 LEU A CD1 1 
ATOM   155 C CD2 . LEU A 1 21 ? 0.288   -6.556  -0.856  1.00 2.00  ? 101 LEU A CD2 1 
ATOM   156 N N   . SER A 1 22 ? -4.415  -6.826  2.020   1.00 9.24  ? 102 SER A N   1 
ATOM   157 C CA  . SER A 1 22 ? -4.896  -6.546  3.384   1.00 6.70  ? 102 SER A CA  1 
ATOM   158 C C   . SER A 1 22 ? -3.642  -6.399  4.233   1.00 6.27  ? 102 SER A C   1 
ATOM   159 O O   . SER A 1 22 ? -2.631  -7.033  3.932   1.00 4.78  ? 102 SER A O   1 
ATOM   160 C CB  . SER A 1 22 ? -5.682  -7.712  3.956   1.00 8.19  ? 102 SER A CB  1 
ATOM   161 O OG  . SER A 1 22 ? -6.975  -7.793  3.402   1.00 11.40 ? 102 SER A OG  1 
ATOM   162 N N   . PHE A 1 23 ? -3.684  -5.582  5.287   1.00 6.72  ? 103 PHE A N   1 
ATOM   163 C CA  . PHE A 1 23 ? -2.505  -5.389  6.146   1.00 6.82  ? 103 PHE A CA  1 
ATOM   164 C C   . PHE A 1 23 ? -2.780  -4.852  7.538   1.00 7.56  ? 103 PHE A C   1 
ATOM   165 O O   . PHE A 1 23 ? -3.875  -4.377  7.838   1.00 6.07  ? 103 PHE A O   1 
ATOM   166 C CB  . PHE A 1 23 ? -1.435  -4.502  5.469   1.00 9.59  ? 103 PHE A CB  1 
ATOM   167 C CG  . PHE A 1 23 ? -1.966  -3.216  4.922   1.00 9.18  ? 103 PHE A CG  1 
ATOM   168 C CD1 . PHE A 1 23 ? -2.042  -2.085  5.727   1.00 11.29 ? 103 PHE A CD1 1 
ATOM   169 C CD2 . PHE A 1 23 ? -2.403  -3.136  3.597   1.00 5.54  ? 103 PHE A CD2 1 
ATOM   170 C CE1 . PHE A 1 23 ? -2.548  -0.878  5.217   1.00 11.14 ? 103 PHE A CE1 1 
ATOM   171 C CE2 . PHE A 1 23 ? -2.911  -1.945  3.070   1.00 5.32  ? 103 PHE A CE2 1 
ATOM   172 C CZ  . PHE A 1 23 ? -2.986  -0.811  3.875   1.00 12.44 ? 103 PHE A CZ  1 
ATOM   173 N N   . HIS A 1 24 ? -1.764  -4.995  8.384   1.00 6.97  ? 104 HIS A N   1 
ATOM   174 C CA  . HIS A 1 24 ? -1.773  -4.534  9.763   1.00 7.53  ? 104 HIS A CA  1 
ATOM   175 C C   . HIS A 1 24 ? -1.023  -3.233  9.782   1.00 7.43  ? 104 HIS A C   1 
ATOM   176 O O   . HIS A 1 24 ? -0.069  -3.081  9.038   1.00 5.46  ? 104 HIS A O   1 
ATOM   177 C CB  . HIS A 1 24 ? -0.899  -5.431  10.658  1.00 7.56  ? 104 HIS A CB  1 
ATOM   178 C CG  . HIS A 1 24 ? -1.306  -6.864  10.688  1.00 11.75 ? 104 HIS A CG  1 
ATOM   179 N ND1 . HIS A 1 24 ? -2.553  -7.280  11.098  1.00 12.80 ? 104 HIS A ND1 1 
ATOM   180 C CD2 . HIS A 1 24 ? -0.627  -7.982  10.346  1.00 13.29 ? 104 HIS A CD2 1 
ATOM   181 C CE1 . HIS A 1 24 ? -2.627  -8.593  11.002  1.00 13.44 ? 104 HIS A CE1 1 
ATOM   182 N NE2 . HIS A 1 24 ? -1.473  -9.042  10.548  1.00 15.57 ? 104 HIS A NE2 1 
ATOM   183 N N   . LYS A 1 25 ? -1.377  -2.334  10.694  1.00 8.66  ? 105 LYS A N   1 
ATOM   184 C CA  . LYS A 1 25 ? -0.606  -1.113  10.835  1.00 8.68  ? 105 LYS A CA  1 
ATOM   185 C C   . LYS A 1 25 ? 0.781   -1.593  11.270  1.00 6.65  ? 105 LYS A C   1 
ATOM   186 O O   . LYS A 1 25 ? 0.893   -2.639  11.917  1.00 10.38 ? 105 LYS A O   1 
ATOM   187 C CB  . LYS A 1 25 ? -1.237  -0.185  11.877  1.00 12.96 ? 105 LYS A CB  1 
ATOM   188 C CG  . LYS A 1 25 ? -1.647  -0.795  13.196  1.00 12.48 ? 105 LYS A CG  1 
ATOM   189 C CD  . LYS A 1 25 ? -2.755  0.056   13.821  1.00 20.52 ? 105 LYS A CD  1 
ATOM   190 C CE  . LYS A 1 25 ? -3.050  -0.360  15.267  1.00 28.24 ? 105 LYS A CE  1 
ATOM   191 N NZ  . LYS A 1 25 ? -3.454  -1.801  15.426  1.00 29.03 ? 105 LYS A NZ  1 
ATOM   192 N N   . GLY A 1 26 ? 1.837   -0.940  10.807  1.00 5.06  ? 106 GLY A N   1 
ATOM   193 C CA  . GLY A 1 26 ? 3.178   -1.382  11.173  1.00 4.39  ? 106 GLY A CA  1 
ATOM   194 C C   . GLY A 1 26 ? 3.870   -2.258  10.127  1.00 6.18  ? 106 GLY A C   1 
ATOM   195 O O   . GLY A 1 26 ? 5.092   -2.410  10.142  1.00 5.61  ? 106 GLY A O   1 
ATOM   196 N N   . GLU A 1 27 ? 3.079   -2.821  9.212   1.00 7.06  ? 107 GLU A N   1 
ATOM   197 C CA  . GLU A 1 27 ? 3.567   -3.673  8.137   1.00 6.19  ? 107 GLU A CA  1 
ATOM   198 C C   . GLU A 1 27 ? 4.277   -2.804  7.106   1.00 6.67  ? 107 GLU A C   1 
ATOM   199 O O   . GLU A 1 27 ? 3.804   -1.709  6.783   1.00 8.12  ? 107 GLU A O   1 
ATOM   200 C CB  . GLU A 1 27 ? 2.384   -4.418  7.502   1.00 6.64  ? 107 GLU A CB  1 
ATOM   201 C CG  . GLU A 1 27 ? 2.756   -5.602  6.594   1.00 9.52  ? 107 GLU A CG  1 
ATOM   202 C CD  . GLU A 1 27 ? 1.567   -6.484  6.234   1.00 8.21  ? 107 GLU A CD  1 
ATOM   203 O OE1 . GLU A 1 27 ? 0.616   -6.550  7.035   1.00 8.99  ? 107 GLU A OE1 1 
ATOM   204 O OE2 . GLU A 1 27 ? 1.589   -7.121  5.154   1.00 6.83  ? 107 GLU A OE2 1 
ATOM   205 N N   . LYS A 1 28 ? 5.439   -3.272  6.653   1.00 6.16  ? 108 LYS A N   1 
ATOM   206 C CA  . LYS A 1 28 ? 6.275   -2.588  5.674   1.00 5.24  ? 108 LYS A CA  1 
ATOM   207 C C   . LYS A 1 28 ? 6.041   -3.053  4.235   1.00 4.74  ? 108 LYS A C   1 
ATOM   208 O O   . LYS A 1 28 ? 5.880   -4.241  3.963   1.00 2.00  ? 108 LYS A O   1 
ATOM   209 C CB  . LYS A 1 28 ? 7.739   -2.807  5.995   1.00 8.47  ? 108 LYS A CB  1 
ATOM   210 C CG  . LYS A 1 28 ? 8.155   -2.331  7.342   1.00 11.73 ? 108 LYS A CG  1 
ATOM   211 C CD  . LYS A 1 28 ? 8.489   -0.876  7.363   1.00 14.92 ? 108 LYS A CD  1 
ATOM   212 C CE  . LYS A 1 28 ? 8.803   -0.485  8.810   1.00 17.22 ? 108 LYS A CE  1 
ATOM   213 N NZ  . LYS A 1 28 ? 7.690   -0.928  9.713   1.00 13.60 ? 108 LYS A NZ  1 
ATOM   214 N N   . PHE A 1 29 ? 6.193   -2.116  3.314   1.00 5.33  ? 109 PHE A N   1 
ATOM   215 C CA  . PHE A 1 29 ? 5.971   -2.366  1.914   1.00 6.39  ? 109 PHE A CA  1 
ATOM   216 C C   . PHE A 1 29 ? 7.025   -1.773  1.000   1.00 7.50  ? 109 PHE A C   1 
ATOM   217 O O   . PHE A 1 29 ? 7.426   -0.624  1.159   1.00 6.98  ? 109 PHE A O   1 
ATOM   218 C CB  . PHE A 1 29 ? 4.646   -1.735  1.488   1.00 9.36  ? 109 PHE A CB  1 
ATOM   219 C CG  . PHE A 1 29 ? 3.434   -2.384  2.072   1.00 14.41 ? 109 PHE A CG  1 
ATOM   220 C CD1 . PHE A 1 29 ? 2.858   -3.491  1.452   1.00 12.65 ? 109 PHE A CD1 1 
ATOM   221 C CD2 . PHE A 1 29 ? 2.851   -1.875  3.224   1.00 14.25 ? 109 PHE A CD2 1 
ATOM   222 C CE1 . PHE A 1 29 ? 1.724   -4.078  1.966   1.00 13.35 ? 109 PHE A CE1 1 
ATOM   223 C CE2 . PHE A 1 29 ? 1.716   -2.458  3.744   1.00 18.15 ? 109 PHE A CE2 1 
ATOM   224 C CZ  . PHE A 1 29 ? 1.149   -3.570  3.107   1.00 19.34 ? 109 PHE A CZ  1 
ATOM   225 N N   . GLN A 1 30 ? 7.446   -2.564  0.020   1.00 8.35  ? 110 GLN A N   1 
ATOM   226 C CA  . GLN A 1 30 ? 8.367   -2.091  -1.006  1.00 10.86 ? 110 GLN A CA  1 
ATOM   227 C C   . GLN A 1 30 ? 7.401   -1.676  -2.118  1.00 7.61  ? 110 GLN A C   1 
ATOM   228 O O   . GLN A 1 30 ? 6.506   -2.447  -2.488  1.00 11.06 ? 110 GLN A O   1 
ATOM   229 C CB  . GLN A 1 30 ? 9.290   -3.216  -1.480  1.00 13.07 ? 110 GLN A CB  1 
ATOM   230 C CG  . GLN A 1 30 ? 10.254  -2.804  -2.585  1.00 20.61 ? 110 GLN A CG  1 
ATOM   231 C CD  . GLN A 1 30 ? 11.080  -1.566  -2.250  1.00 24.98 ? 110 GLN A CD  1 
ATOM   232 O OE1 . GLN A 1 30 ? 11.818  -1.539  -1.261  1.00 30.00 ? 110 GLN A OE1 1 
ATOM   233 N NE2 . GLN A 1 30 ? 10.956  -0.537  -3.074  1.00 23.94 ? 110 GLN A NE2 1 
ATOM   234 N N   . ILE A 1 31 ? 7.485   -0.433  -2.567  1.00 5.92  ? 111 ILE A N   1 
ATOM   235 C CA  . ILE A 1 31 ? 6.578   0.033   -3.614  1.00 5.60  ? 111 ILE A CA  1 
ATOM   236 C C   . ILE A 1 31 ? 7.146   -0.319  -4.985  1.00 6.72  ? 111 ILE A C   1 
ATOM   237 O O   . ILE A 1 31 ? 8.319   -0.046  -5.268  1.00 4.38  ? 111 ILE A O   1 
ATOM   238 C CB  . ILE A 1 31 ? 6.297   1.571   -3.518  1.00 6.65  ? 111 ILE A CB  1 
ATOM   239 C CG1 . ILE A 1 31 ? 5.754   1.945   -2.122  1.00 6.98  ? 111 ILE A CG1 1 
ATOM   240 C CG2 . ILE A 1 31 ? 5.272   1.997   -4.585  1.00 5.88  ? 111 ILE A CG2 1 
ATOM   241 C CD1 . ILE A 1 31 ? 4.445   1.221   -1.703  1.00 6.81  ? 111 ILE A CD1 1 
ATOM   242 N N   . LEU A 1 32 ? 6.313   -0.968  -5.805  1.00 9.00  ? 112 LEU A N   1 
ATOM   243 C CA  . LEU A 1 32 ? 6.698   -1.383  -7.154  1.00 8.72  ? 112 LEU A CA  1 
ATOM   244 C C   . LEU A 1 32 ? 6.289   -0.378  -8.210  1.00 9.07  ? 112 LEU A C   1 
ATOM   245 O O   . LEU A 1 32 ? 6.953   -0.255  -9.218  1.00 12.73 ? 112 LEU A O   1 
ATOM   246 C CB  . LEU A 1 32 ? 6.142   -2.768  -7.489  1.00 6.64  ? 112 LEU A CB  1 
ATOM   247 C CG  . LEU A 1 32 ? 6.628   -3.835  -6.507  1.00 6.11  ? 112 LEU A CG  1 
ATOM   248 C CD1 . LEU A 1 32 ? 6.065   -5.176  -6.893  1.00 2.00  ? 112 LEU A CD1 1 
ATOM   249 C CD2 . LEU A 1 32 ? 8.144   -3.873  -6.474  1.00 4.33  ? 112 LEU A CD2 1 
ATOM   250 N N   . ASN A 1 33 ? 5.202   0.345   -7.987  1.00 8.53  ? 113 ASN A N   1 
ATOM   251 C CA  . ASN A 1 33 ? 4.768   1.361   -8.941  1.00 9.21  ? 113 ASN A CA  1 
ATOM   252 C C   . ASN A 1 33 ? 3.891   2.388   -8.238  1.00 9.29  ? 113 ASN A C   1 
ATOM   253 O O   . ASN A 1 33 ? 2.907   2.027   -7.620  1.00 10.68 ? 113 ASN A O   1 
ATOM   254 C CB  . ASN A 1 33 ? 3.991   0.729   -10.117 1.00 9.66  ? 113 ASN A CB  1 
ATOM   255 C CG  . ASN A 1 33 ? 3.880   1.671   -11.309 1.00 8.86  ? 113 ASN A CG  1 
ATOM   256 O OD1 . ASN A 1 33 ? 3.028   2.531   -11.349 1.00 8.06  ? 113 ASN A OD1 1 
ATOM   257 N ND2 . ASN A 1 33 ? 4.787   1.540   -12.252 1.00 18.03 ? 113 ASN A ND2 1 
ATOM   258 N N   . SER A 1 34 ? 4.231   3.665   -8.333  1.00 9.53  ? 114 SER A N   1 
ATOM   259 C CA  . SER A 1 34 ? 3.416   4.689   -7.690  1.00 10.63 ? 114 SER A CA  1 
ATOM   260 C C   . SER A 1 34 ? 2.946   5.731   -8.697  1.00 13.37 ? 114 SER A C   1 
ATOM   261 O O   . SER A 1 34 ? 2.592   6.843   -8.318  1.00 15.30 ? 114 SER A O   1 
ATOM   262 C CB  . SER A 1 34 ? 4.240   5.387   -6.626  1.00 8.25  ? 114 SER A CB  1 
ATOM   263 O OG  . SER A 1 34 ? 5.358   5.987   -7.234  1.00 12.77 ? 114 SER A OG  1 
ATOM   264 N N   . SER A 1 35 ? 2.865   5.354   -9.966  1.00 13.33 ? 115 SER A N   1 
ATOM   265 C CA  . SER A 1 35 ? 2.511   6.305   -10.984 1.00 15.05 ? 115 SER A CA  1 
ATOM   266 C C   . SER A 1 35 ? 1.038   6.594   -11.095 1.00 19.31 ? 115 SER A C   1 
ATOM   267 O O   . SER A 1 35 ? 0.648   7.555   -11.766 1.00 19.56 ? 115 SER A O   1 
ATOM   268 C CB  . SER A 1 35 ? 3.069   5.859   -12.335 1.00 16.19 ? 115 SER A CB  1 
ATOM   269 O OG  . SER A 1 35 ? 2.446   4.676   -12.789 1.00 15.53 ? 115 SER A OG  1 
ATOM   270 N N   . GLU A 1 36 ? 0.211   5.826   -10.398 1.00 24.01 ? 116 GLU A N   1 
ATOM   271 C CA  . GLU A 1 36 ? -1.222  6.054   -10.507 1.00 28.12 ? 116 GLU A CA  1 
ATOM   272 C C   . GLU A 1 36 ? -1.862  6.953   -9.454  1.00 28.86 ? 116 GLU A C   1 
ATOM   273 O O   . GLU A 1 36 ? -3.051  7.263   -9.546  1.00 32.58 ? 116 GLU A O   1 
ATOM   274 C CB  . GLU A 1 36 ? -1.973  4.737   -10.623 1.00 29.81 ? 116 GLU A CB  1 
ATOM   275 C CG  . GLU A 1 36 ? -3.240  4.855   -11.439 1.00 38.49 ? 116 GLU A CG  1 
ATOM   276 C CD  . GLU A 1 36 ? -3.989  3.548   -11.513 1.00 44.31 ? 116 GLU A CD  1 
ATOM   277 O OE1 . GLU A 1 36 ? -3.394  2.560   -12.011 1.00 49.67 ? 116 GLU A OE1 1 
ATOM   278 O OE2 . GLU A 1 36 ? -5.158  3.503   -11.057 1.00 44.07 ? 116 GLU A OE2 1 
ATOM   279 N N   . GLY A 1 37 ? -1.117  7.340   -8.429  1.00 27.47 ? 117 GLY A N   1 
ATOM   280 C CA  . GLY A 1 37 ? -1.701  8.239   -7.449  1.00 29.13 ? 117 GLY A CA  1 
ATOM   281 C C   . GLY A 1 37 ? -2.669  7.749   -6.375  1.00 27.85 ? 117 GLY A C   1 
ATOM   282 O O   . GLY A 1 37 ? -2.549  8.176   -5.231  1.00 30.55 ? 117 GLY A O   1 
ATOM   283 N N   . ASP A 1 38 ? -3.670  6.943   -6.704  1.00 24.92 ? 118 ASP A N   1 
ATOM   284 C CA  . ASP A 1 38 ? -4.579  6.478   -5.651  1.00 23.05 ? 118 ASP A CA  1 
ATOM   285 C C   . ASP A 1 38 ? -4.216  5.088   -5.146  1.00 18.99 ? 118 ASP A C   1 
ATOM   286 O O   . ASP A 1 38 ? -4.186  4.838   -3.947  1.00 19.20 ? 118 ASP A O   1 
ATOM   287 C CB  . ASP A 1 38 ? -6.066  6.566   -6.067  1.00 26.83 ? 118 ASP A CB  1 
ATOM   288 C CG  . ASP A 1 38 ? -6.363  5.954   -7.445  1.00 30.30 ? 118 ASP A CG  1 
ATOM   289 O OD1 . ASP A 1 38 ? -5.421  5.583   -8.185  1.00 33.70 ? 118 ASP A OD1 1 
ATOM   290 O OD2 . ASP A 1 38 ? -7.564  5.862   -7.793  1.00 32.64 ? 118 ASP A OD2 1 
ATOM   291 N N   . TRP A 1 39 ? -3.883  4.207   -6.076  1.00 14.29 ? 119 TRP A N   1 
ATOM   292 C CA  . TRP A 1 39 ? -3.511  2.848   -5.752  1.00 10.30 ? 119 TRP A CA  1 
ATOM   293 C C   . TRP A 1 39 ? -2.071  2.611   -6.212  1.00 6.82  ? 119 TRP A C   1 
ATOM   294 O O   . TRP A 1 39 ? -1.676  2.973   -7.312  1.00 6.91  ? 119 TRP A O   1 
ATOM   295 C CB  . TRP A 1 39 ? -4.487  1.873   -6.420  1.00 13.39 ? 119 TRP A CB  1 
ATOM   296 C CG  . TRP A 1 39 ? -5.932  1.932   -5.878  1.00 11.71 ? 119 TRP A CG  1 
ATOM   297 C CD1 . TRP A 1 39 ? -7.006  2.601   -6.433  1.00 13.93 ? 119 TRP A CD1 1 
ATOM   298 C CD2 . TRP A 1 39 ? -6.456  1.218   -4.747  1.00 7.44  ? 119 TRP A CD2 1 
ATOM   299 N NE1 . TRP A 1 39 ? -8.152  2.320   -5.724  1.00 6.63  ? 119 TRP A NE1 1 
ATOM   300 C CE2 . TRP A 1 39 ? -7.839  1.481   -4.686  1.00 8.43  ? 119 TRP A CE2 1 
ATOM   301 C CE3 . TRP A 1 39 ? -5.889  0.375   -3.786  1.00 6.37  ? 119 TRP A CE3 1 
ATOM   302 C CZ2 . TRP A 1 39 ? -8.661  0.926   -3.693  1.00 11.15 ? 119 TRP A CZ2 1 
ATOM   303 C CZ3 . TRP A 1 39 ? -6.702  -0.176  -2.811  1.00 2.36  ? 119 TRP A CZ3 1 
ATOM   304 C CH2 . TRP A 1 39 ? -8.069  0.101   -2.768  1.00 8.17  ? 119 TRP A CH2 1 
ATOM   305 N N   . TRP A 1 40 ? -1.252  2.132   -5.300  1.00 6.17  ? 120 TRP A N   1 
ATOM   306 C CA  . TRP A 1 40 ? 0.142   1.863   -5.583  1.00 5.58  ? 120 TRP A CA  1 
ATOM   307 C C   . TRP A 1 40 ? 0.328   0.378   -5.665  1.00 6.91  ? 120 TRP A C   1 
ATOM   308 O O   . TRP A 1 40 ? -0.368  -0.368  -4.971  1.00 8.86  ? 120 TRP A O   1 
ATOM   309 C CB  . TRP A 1 40 ? 1.013   2.374   -4.430  1.00 2.99  ? 120 TRP A CB  1 
ATOM   310 C CG  . TRP A 1 40 ? 1.109   3.855   -4.372  1.00 7.04  ? 120 TRP A CG  1 
ATOM   311 C CD1 . TRP A 1 40 ? 0.604   4.759   -5.280  1.00 5.83  ? 120 TRP A CD1 1 
ATOM   312 C CD2 . TRP A 1 40 ? 1.777   4.621   -3.378  1.00 5.23  ? 120 TRP A CD2 1 
ATOM   313 N NE1 . TRP A 1 40 ? 0.932   6.029   -4.909  1.00 4.61  ? 120 TRP A NE1 1 
ATOM   314 C CE2 . TRP A 1 40 ? 1.652   5.977   -3.743  1.00 9.27  ? 120 TRP A CE2 1 
ATOM   315 C CE3 . TRP A 1 40 ? 2.471   4.293   -2.209  1.00 6.86  ? 120 TRP A CE3 1 
ATOM   316 C CZ2 . TRP A 1 40 ? 2.202   7.010   -2.974  1.00 11.14 ? 120 TRP A CZ2 1 
ATOM   317 C CZ3 . TRP A 1 40 ? 3.018   5.310   -1.451  1.00 11.80 ? 120 TRP A CZ3 1 
ATOM   318 C CH2 . TRP A 1 40 ? 2.885   6.654   -1.830  1.00 11.72 ? 120 TRP A CH2 1 
ATOM   319 N N   . GLU A 1 41 ? 1.215   -0.078  -6.540  1.00 8.61  ? 121 GLU A N   1 
ATOM   320 C CA  . GLU A 1 41 ? 1.470   -1.508  -6.587  1.00 10.54 ? 121 GLU A CA  1 
ATOM   321 C C   . GLU A 1 41 ? 2.604   -1.730  -5.583  1.00 9.96  ? 121 GLU A C   1 
ATOM   322 O O   . GLU A 1 41 ? 3.588   -0.967  -5.573  1.00 6.68  ? 121 GLU A O   1 
ATOM   323 C CB  . GLU A 1 41 ? 1.879   -1.993  -7.975  1.00 12.13 ? 121 GLU A CB  1 
ATOM   324 C CG  . GLU A 1 41 ? 1.959   -3.509  -7.990  1.00 18.77 ? 121 GLU A CG  1 
ATOM   325 C CD  . GLU A 1 41 ? 2.205   -4.106  -9.354  1.00 23.45 ? 121 GLU A CD  1 
ATOM   326 O OE1 . GLU A 1 41 ? 2.596   -3.349  -10.277 1.00 24.77 ? 121 GLU A OE1 1 
ATOM   327 O OE2 . GLU A 1 41 ? 2.005   -5.344  -9.479  1.00 24.77 ? 121 GLU A OE2 1 
ATOM   328 N N   . ALA A 1 42 ? 2.490   -2.774  -4.766  1.00 6.39  ? 122 ALA A N   1 
ATOM   329 C CA  . ALA A 1 42 ? 3.515   -3.023  -3.758  1.00 8.17  ? 122 ALA A CA  1 
ATOM   330 C C   . ALA A 1 42 ? 3.686   -4.485  -3.374  1.00 4.94  ? 122 ALA A C   1 
ATOM   331 O O   . ALA A 1 42 ? 2.890   -5.339  -3.730  1.00 2.00  ? 122 ALA A O   1 
ATOM   332 C CB  . ALA A 1 42 ? 3.215   -2.171  -2.458  1.00 7.85  ? 122 ALA A CB  1 
ATOM   333 N N   . ARG A 1 43 ? 4.743   -4.719  -2.607  1.00 4.09  ? 123 ARG A N   1 
ATOM   334 C CA  . ARG A 1 43 ? 5.081   -6.018  -2.089  1.00 4.48  ? 123 ARG A CA  1 
ATOM   335 C C   . ARG A 1 43 ? 5.183   -5.912  -0.566  1.00 3.86  ? 123 ARG A C   1 
ATOM   336 O O   . ARG A 1 43 ? 5.804   -5.010  -0.039  1.00 5.52  ? 123 ARG A O   1 
ATOM   337 C CB  . ARG A 1 43 ? 6.432   -6.488  -2.640  1.00 5.55  ? 123 ARG A CB  1 
ATOM   338 C CG  . ARG A 1 43 ? 6.751   -7.897  -2.182  1.00 9.53  ? 123 ARG A CG  1 
ATOM   339 C CD  . ARG A 1 43 ? 8.059   -8.398  -2.692  1.00 13.31 ? 123 ARG A CD  1 
ATOM   340 N NE  . ARG A 1 43 ? 8.212   -9.810  -2.371  1.00 18.93 ? 123 ARG A NE  1 
ATOM   341 C CZ  . ARG A 1 43 ? 9.363   -10.381 -2.042  1.00 22.19 ? 123 ARG A CZ  1 
ATOM   342 N NH1 . ARG A 1 43 ? 10.467  -9.653  -1.982  1.00 24.26 ? 123 ARG A NH1 1 
ATOM   343 N NH2 . ARG A 1 43 ? 9.412   -11.680 -1.766  1.00 24.11 ? 123 ARG A NH2 1 
ATOM   344 N N   . SER A 1 44 ? 4.555   -6.840  0.133   1.00 4.41  ? 124 SER A N   1 
ATOM   345 C CA  . SER A 1 44 ? 4.612   -6.890  1.572   1.00 3.25  ? 124 SER A CA  1 
ATOM   346 C C   . SER A 1 44 ? 5.914   -7.550  2.005   1.00 6.06  ? 124 SER A C   1 
ATOM   347 O O   . SER A 1 44 ? 6.259   -8.641  1.537   1.00 6.70  ? 124 SER A O   1 
ATOM   348 C CB  . SER A 1 44 ? 3.457   -7.712  2.100   1.00 2.00  ? 124 SER A CB  1 
ATOM   349 O OG  . SER A 1 44 ? 3.736   -8.087  3.427   1.00 10.07 ? 124 SER A OG  1 
ATOM   350 N N   . LEU A 1 45 ? 6.640   -6.904  2.909   1.00 6.77  ? 125 LEU A N   1 
ATOM   351 C CA  . LEU A 1 45 ? 7.883   -7.479  3.398   1.00 3.14  ? 125 LEU A CA  1 
ATOM   352 C C   . LEU A 1 45 ? 7.532   -8.511  4.443   1.00 3.83  ? 125 LEU A C   1 
ATOM   353 O O   . LEU A 1 45 ? 8.411   -9.191  4.969   1.00 9.24  ? 125 LEU A O   1 
ATOM   354 C CB  . LEU A 1 45 ? 8.795   -6.405  3.988   1.00 2.00  ? 125 LEU A CB  1 
ATOM   355 C CG  . LEU A 1 45 ? 9.091   -5.268  3.002   1.00 6.97  ? 125 LEU A CG  1 
ATOM   356 C CD1 . LEU A 1 45 ? 10.107  -4.283  3.562   1.00 3.49  ? 125 LEU A CD1 1 
ATOM   357 C CD2 . LEU A 1 45 ? 9.613   -5.867  1.702   1.00 7.53  ? 125 LEU A CD2 1 
ATOM   358 N N   . THR A 1 46 ? 6.245   -8.622  4.758   1.00 5.79  ? 126 THR A N   1 
ATOM   359 C CA  . THR A 1 46 ? 5.802   -9.590  5.748   1.00 7.39  ? 126 THR A CA  1 
ATOM   360 C C   . THR A 1 46 ? 5.357   -10.922 5.142   1.00 6.65  ? 126 THR A C   1 
ATOM   361 O O   . THR A 1 46 ? 5.666   -11.984 5.667   1.00 7.72  ? 126 THR A O   1 
ATOM   362 C CB  . THR A 1 46 ? 4.625   -9.048  6.612   1.00 8.49  ? 126 THR A CB  1 
ATOM   363 O OG1 . THR A 1 46 ? 5.053   -7.906  7.353   1.00 11.25 ? 126 THR A OG1 1 
ATOM   364 C CG2 . THR A 1 46 ? 4.147   -10.133 7.587   1.00 6.67  ? 126 THR A CG2 1 
ATOM   365 N N   . THR A 1 47 ? 4.578   -10.875 4.074   1.00 8.65  ? 127 THR A N   1 
ATOM   366 C CA  . THR A 1 47 ? 4.104   -12.114 3.488   1.00 10.06 ? 127 THR A CA  1 
ATOM   367 C C   . THR A 1 47 ? 4.802   -12.461 2.194   1.00 10.66 ? 127 THR A C   1 
ATOM   368 O O   . THR A 1 47 ? 4.774   -13.619 1.767   1.00 14.34 ? 127 THR A O   1 
ATOM   369 C CB  . THR A 1 47 ? 2.640   -12.025 3.201   1.00 8.52  ? 127 THR A CB  1 
ATOM   370 O OG1 . THR A 1 47 ? 2.439   -10.921 2.319   1.00 9.43  ? 127 THR A OG1 1 
ATOM   371 C CG2 . THR A 1 47 ? 1.855   -11.801 4.488   1.00 9.18  ? 127 THR A CG2 1 
ATOM   372 N N   . GLY A 1 48 ? 5.439   -11.463 1.589   1.00 8.07  ? 128 GLY A N   1 
ATOM   373 C CA  . GLY A 1 48 ? 6.106   -11.665 0.323   1.00 7.79  ? 128 GLY A CA  1 
ATOM   374 C C   . GLY A 1 48 ? 5.098   -11.502 -0.809  1.00 9.08  ? 128 GLY A C   1 
ATOM   375 O O   . GLY A 1 48 ? 5.460   -11.591 -1.975  1.00 14.41 ? 128 GLY A O   1 
ATOM   376 N N   . GLU A 1 49 ? 3.842   -11.240 -0.465  1.00 7.80  ? 129 GLU A N   1 
ATOM   377 C CA  . GLU A 1 49 ? 2.767   -11.059 -1.430  1.00 8.77  ? 129 GLU A CA  1 
ATOM   378 C C   . GLU A 1 49 ? 2.811   -9.721  -2.163  1.00 10.10 ? 129 GLU A C   1 
ATOM   379 O O   . GLU A 1 49 ? 3.306   -8.712  -1.639  1.00 8.45  ? 129 GLU A O   1 
ATOM   380 C CB  . GLU A 1 49 ? 1.431   -11.193 -0.729  1.00 12.30 ? 129 GLU A CB  1 
ATOM   381 C CG  . GLU A 1 49 ? 0.414   -12.024 -1.460  1.00 23.05 ? 129 GLU A CG  1 
ATOM   382 C CD  . GLU A 1 49 ? -0.573  -12.668 -0.497  1.00 28.34 ? 129 GLU A CD  1 
ATOM   383 O OE1 . GLU A 1 49 ? -0.136  -13.558 0.262   1.00 28.78 ? 129 GLU A OE1 1 
ATOM   384 O OE2 . GLU A 1 49 ? -1.771  -12.288 -0.488  1.00 32.67 ? 129 GLU A OE2 1 
ATOM   385 N N   . THR A 1 50 ? 2.203   -9.717  -3.347  1.00 9.79  ? 130 THR A N   1 
ATOM   386 C CA  . THR A 1 50 ? 2.146   -8.566  -4.243  1.00 8.89  ? 130 THR A CA  1 
ATOM   387 C C   . THR A 1 50 ? 0.690   -8.142  -4.411  1.00 5.25  ? 130 THR A C   1 
ATOM   388 O O   . THR A 1 50 ? -0.204  -8.984  -4.326  1.00 2.00  ? 130 THR A O   1 
ATOM   389 C CB  . THR A 1 50 ? 2.756   -8.963  -5.647  1.00 10.49 ? 130 THR A CB  1 
ATOM   390 O OG1 . THR A 1 50 ? 4.174   -9.153  -5.515  1.00 15.04 ? 130 THR A OG1 1 
ATOM   391 C CG2 . THR A 1 50 ? 2.523   -7.899  -6.687  1.00 17.35 ? 130 THR A CG2 1 
ATOM   392 N N   . GLY A 1 51 ? 0.460   -6.852  -4.651  1.00 3.62  ? 131 GLY A N   1 
ATOM   393 C CA  . GLY A 1 51 ? -0.895  -6.372  -4.854  1.00 3.70  ? 131 GLY A CA  1 
ATOM   394 C C   . GLY A 1 51 ? -0.979  -4.870  -4.702  1.00 4.69  ? 131 GLY A C   1 
ATOM   395 O O   . GLY A 1 51 ? 0.040   -4.211  -4.530  1.00 7.25  ? 131 GLY A O   1 
ATOM   396 N N   . TYR A 1 52 ? -2.187  -4.332  -4.732  1.00 5.50  ? 132 TYR A N   1 
ATOM   397 C CA  . TYR A 1 52 ? -2.396  -2.894  -4.603  1.00 10.73 ? 132 TYR A CA  1 
ATOM   398 C C   . TYR A 1 52 ? -2.781  -2.477  -3.181  1.00 8.93  ? 132 TYR A C   1 
ATOM   399 O O   . TYR A 1 52 ? -3.437  -3.244  -2.480  1.00 6.90  ? 132 TYR A O   1 
ATOM   400 C CB  . TYR A 1 52 ? -3.494  -2.444  -5.577  1.00 13.18 ? 132 TYR A CB  1 
ATOM   401 C CG  . TYR A 1 52 ? -3.045  -2.471  -7.006  1.00 16.69 ? 132 TYR A CG  1 
ATOM   402 C CD1 . TYR A 1 52 ? -2.311  -1.416  -7.535  1.00 15.98 ? 132 TYR A CD1 1 
ATOM   403 C CD2 . TYR A 1 52 ? -3.291  -3.585  -7.815  1.00 20.78 ? 132 TYR A CD2 1 
ATOM   404 C CE1 . TYR A 1 52 ? -1.824  -1.457  -8.820  1.00 19.12 ? 132 TYR A CE1 1 
ATOM   405 C CE2 . TYR A 1 52 ? -2.804  -3.642  -9.116  1.00 21.91 ? 132 TYR A CE2 1 
ATOM   406 C CZ  . TYR A 1 52 ? -2.068  -2.570  -9.609  1.00 23.05 ? 132 TYR A CZ  1 
ATOM   407 O OH  . TYR A 1 52 ? -1.565  -2.615  -10.892 1.00 25.09 ? 132 TYR A OH  1 
ATOM   408 N N   . ILE A 1 53 ? -2.426  -1.238  -2.809  1.00 6.43  ? 133 ILE A N   1 
ATOM   409 C CA  . ILE A 1 53 ? -2.710  -0.654  -1.480  1.00 5.26  ? 133 ILE A CA  1 
ATOM   410 C C   . ILE A 1 53 ? -3.066  0.841   -1.601  1.00 4.30  ? 133 ILE A C   1 
ATOM   411 O O   . ILE A 1 53 ? -2.519  1.531   -2.464  1.00 4.13  ? 133 ILE A O   1 
ATOM   412 C CB  . ILE A 1 53 ? -1.479  -0.767  -0.547  1.00 7.18  ? 133 ILE A CB  1 
ATOM   413 C CG1 . ILE A 1 53 ? -0.334  0.097   -1.073  1.00 4.12  ? 133 ILE A CG1 1 
ATOM   414 C CG2 . ILE A 1 53 ? -1.008  -2.216  -0.446  1.00 5.60  ? 133 ILE A CG2 1 
ATOM   415 C CD1 . ILE A 1 53 ? 0.788   0.247   -0.097  1.00 2.00  ? 133 ILE A CD1 1 
ATOM   416 N N   . PRO A 1 54 ? -4.003  1.355   -0.770  1.00 3.33  ? 134 PRO A N   1 
ATOM   417 C CA  . PRO A 1 54 ? -4.376  2.790   -0.846  1.00 2.75  ? 134 PRO A CA  1 
ATOM   418 C C   . PRO A 1 54 ? -3.172  3.629   -0.413  1.00 4.32  ? 134 PRO A C   1 
ATOM   419 O O   . PRO A 1 54 ? -2.544  3.313   0.600   1.00 4.76  ? 134 PRO A O   1 
ATOM   420 C CB  . PRO A 1 54 ? -5.523  2.921   0.172   1.00 2.92  ? 134 PRO A CB  1 
ATOM   421 C CG  . PRO A 1 54 ? -6.037  1.491   0.361   1.00 3.30  ? 134 PRO A CG  1 
ATOM   422 C CD  . PRO A 1 54 ? -4.759  0.664   0.295   1.00 2.53  ? 134 PRO A CD  1 
ATOM   423 N N   . SER A 1 55 ? -2.824  4.672   -1.168  1.00 5.27  ? 135 SER A N   1 
ATOM   424 C CA  . SER A 1 55 ? -1.656  5.482   -0.825  1.00 5.24  ? 135 SER A CA  1 
ATOM   425 C C   . SER A 1 55 ? -1.800  6.350   0.418   1.00 7.81  ? 135 SER A C   1 
ATOM   426 O O   . SER A 1 55 ? -0.803  6.674   1.058   1.00 8.88  ? 135 SER A O   1 
ATOM   427 C CB  . SER A 1 55 ? -1.210  6.326   -2.012  1.00 2.00  ? 135 SER A CB  1 
ATOM   428 O OG  . SER A 1 55 ? -2.301  7.018   -2.538  1.00 7.53  ? 135 SER A OG  1 
ATOM   429 N N   . ASN A 1 56 ? -3.037  6.703   0.768   1.00 10.56 ? 136 ASN A N   1 
ATOM   430 C CA  . ASN A 1 56 ? -3.336  7.532   1.943   1.00 9.74  ? 136 ASN A CA  1 
ATOM   431 C C   . ASN A 1 56 ? -3.180  6.798   3.277   1.00 9.95  ? 136 ASN A C   1 
ATOM   432 O O   . ASN A 1 56 ? -3.147  7.416   4.345   1.00 8.95  ? 136 ASN A O   1 
ATOM   433 C CB  . ASN A 1 56 ? -4.758  8.138   1.838   1.00 10.40 ? 136 ASN A CB  1 
ATOM   434 C CG  . ASN A 1 56 ? -5.822  7.115   1.471   1.00 12.58 ? 136 ASN A CG  1 
ATOM   435 O OD1 . ASN A 1 56 ? -5.535  6.118   0.821   1.00 14.84 ? 136 ASN A OD1 1 
ATOM   436 N ND2 . ASN A 1 56 ? -7.067  7.381   1.855   1.00 14.09 ? 136 ASN A ND2 1 
ATOM   437 N N   . TYR A 1 57 ? -3.037  5.479   3.205   1.00 10.23 ? 137 TYR A N   1 
ATOM   438 C CA  . TYR A 1 57 ? -2.887  4.627   4.388   1.00 5.50  ? 137 TYR A CA  1 
ATOM   439 C C   . TYR A 1 57 ? -1.460  4.320   4.805   1.00 5.21  ? 137 TYR A C   1 
ATOM   440 O O   . TYR A 1 57 ? -1.265  3.764   5.875   1.00 7.16  ? 137 TYR A O   1 
ATOM   441 C CB  . TYR A 1 57 ? -3.603  3.294   4.172   1.00 3.37  ? 137 TYR A CB  1 
ATOM   442 C CG  . TYR A 1 57 ? -5.076  3.318   4.444   1.00 2.00  ? 137 TYR A CG  1 
ATOM   443 C CD1 . TYR A 1 57 ? -5.926  4.188   3.761   1.00 4.04  ? 137 TYR A CD1 1 
ATOM   444 C CD2 . TYR A 1 57 ? -5.622  2.462   5.385   1.00 2.00  ? 137 TYR A CD2 1 
ATOM   445 C CE1 . TYR A 1 57 ? -7.297  4.204   4.015   1.00 4.04  ? 137 TYR A CE1 1 
ATOM   446 C CE2 . TYR A 1 57 ? -6.982  2.466   5.649   1.00 2.69  ? 137 TYR A CE2 1 
ATOM   447 C CZ  . TYR A 1 57 ? -7.811  3.335   4.966   1.00 4.45  ? 137 TYR A CZ  1 
ATOM   448 O OH  . TYR A 1 57 ? -9.149  3.326   5.269   1.00 9.52  ? 137 TYR A OH  1 
ATOM   449 N N   . VAL A 1 58 ? -0.468  4.677   3.990   1.00 5.00  ? 138 VAL A N   1 
ATOM   450 C CA  . VAL A 1 58 ? 0.924   4.355   4.314   1.00 4.84  ? 138 VAL A CA  1 
ATOM   451 C C   . VAL A 1 58 ? 1.800   5.596   4.387   1.00 5.03  ? 138 VAL A C   1 
ATOM   452 O O   . VAL A 1 58 ? 1.432   6.629   3.841   1.00 5.61  ? 138 VAL A O   1 
ATOM   453 C CB  . VAL A 1 58 ? 1.533   3.307   3.305   1.00 6.97  ? 138 VAL A CB  1 
ATOM   454 C CG1 . VAL A 1 58 ? 0.789   1.964   3.413   1.00 2.00  ? 138 VAL A CG1 1 
ATOM   455 C CG2 . VAL A 1 58 ? 1.482   3.832   1.880   1.00 2.97  ? 138 VAL A CG2 1 
ATOM   456 N N   . ALA A 1 59 ? 2.961   5.489   5.034   1.00 2.00  ? 139 ALA A N   1 
ATOM   457 C CA  . ALA A 1 59 ? 3.868   6.627   5.187   1.00 2.75  ? 139 ALA A CA  1 
ATOM   458 C C   . ALA A 1 59 ? 5.312   6.190   4.912   1.00 3.90  ? 139 ALA A C   1 
ATOM   459 O O   . ALA A 1 59 ? 5.657   5.048   5.212   1.00 5.83  ? 139 ALA A O   1 
ATOM   460 C CB  . ALA A 1 59 ? 3.738   7.204   6.619   1.00 2.00  ? 139 ALA A CB  1 
ATOM   461 N N   . PRO A 1 60 ? 6.179   7.094   4.373   1.00 4.73  ? 140 PRO A N   1 
ATOM   462 C CA  . PRO A 1 60 ? 7.589   6.788   4.060   1.00 3.09  ? 140 PRO A CA  1 
ATOM   463 C C   . PRO A 1 60 ? 8.488   6.586   5.280   1.00 5.38  ? 140 PRO A C   1 
ATOM   464 O O   . PRO A 1 60 ? 8.456   7.390   6.217   1.00 5.65  ? 140 PRO A O   1 
ATOM   465 C CB  . PRO A 1 60 ? 8.059   8.024   3.266   1.00 5.11  ? 140 PRO A CB  1 
ATOM   466 C CG  . PRO A 1 60 ? 6.828   8.847   2.995   1.00 4.19  ? 140 PRO A CG  1 
ATOM   467 C CD  . PRO A 1 60 ? 5.884   8.521   4.108   1.00 4.20  ? 140 PRO A CD  1 
ATOM   468 N N   . VAL A 1 61 ? 9.351   5.571   5.238   1.00 8.60  ? 141 VAL A N   1 
ATOM   469 C CA  . VAL A 1 61 ? 10.261  5.292   6.354   1.00 12.87 ? 141 VAL A CA  1 
ATOM   470 C C   . VAL A 1 61 ? 11.739  5.180   5.992   1.00 18.04 ? 141 VAL A C   1 
ATOM   471 O O   . VAL A 1 61 ? 12.075  4.962   4.835   1.00 17.48 ? 141 VAL A O   1 
ATOM   472 C CB  . VAL A 1 61 ? 9.869   4.014   7.128   1.00 10.92 ? 141 VAL A CB  1 
ATOM   473 C CG1 . VAL A 1 61 ? 8.710   4.301   8.068   1.00 7.96  ? 141 VAL A CG1 1 
ATOM   474 C CG2 . VAL A 1 61 ? 9.518   2.904   6.166   1.00 9.29  ? 141 VAL A CG2 1 
ATOM   475 N N   . ASP A 1 62 ? 12.585  5.303   7.022   1.00 24.91 ? 142 ASP A N   1 
ATOM   476 C CA  . ASP A 1 62 ? 14.061  5.229   6.992   1.00 30.95 ? 142 ASP A CA  1 
ATOM   477 C C   . ASP A 1 62 ? 14.878  6.526   6.953   1.00 34.05 ? 142 ASP A C   1 
ATOM   478 O O   . ASP A 1 62 ? 14.551  7.444   6.175   1.00 36.25 ? 142 ASP A O   1 
ATOM   479 C CB  . ASP A 1 62 ? 14.574  4.252   5.938   1.00 33.42 ? 142 ASP A CB  1 
ATOM   480 C CG  . ASP A 1 62 ? 14.807  2.870   6.497   1.00 37.78 ? 142 ASP A CG  1 
ATOM   481 O OD1 . ASP A 1 62 ? 14.013  2.430   7.363   1.00 38.38 ? 142 ASP A OD1 1 
ATOM   482 O OD2 . ASP A 1 62 ? 15.797  2.227   6.073   1.00 44.87 ? 142 ASP A OD2 1 
ATOM   483 O OXT . ASP A 1 62 ? 15.865  6.599   7.716   1.00 36.62 ? 142 ASP A OXT 1 
ATOM   484 N N   . PRO B 2 1  ? -4.238  -1.586  -9.589  0.50 14.58 ? 1   PRO B N   1 
ATOM   485 C CA  . PRO B 2 1  ? -5.225  -0.474  -9.535  0.50 14.22 ? 1   PRO B CA  1 
ATOM   486 C C   . PRO B 2 1  ? -6.724  -0.950  -9.598  0.50 14.56 ? 1   PRO B C   1 
ATOM   487 O O   . PRO B 2 1  ? -7.282  -1.118  -10.690 0.50 17.69 ? 1   PRO B O   1 
ATOM   488 C CB  . PRO B 2 1  ? -5.003  0.492   -10.718 0.50 12.68 ? 1   PRO B CB  1 
ATOM   489 N N   . PRO B 2 2  ? -7.362  -1.223  -8.425  0.50 13.05 ? 2   PRO B N   1 
ATOM   490 C CA  . PRO B 2 2  ? -8.820  -1.650  -8.275  0.50 12.32 ? 2   PRO B CA  1 
ATOM   491 C C   . PRO B 2 2  ? -10.125 -0.761  -8.701  0.50 13.42 ? 2   PRO B C   1 
ATOM   492 O O   . PRO B 2 2  ? -11.148 -1.477  -9.023  0.50 12.99 ? 2   PRO B O   1 
ATOM   493 C CB  . PRO B 2 2  ? -8.952  -1.938  -6.803  0.50 12.00 ? 2   PRO B CB  1 
ATOM   494 C CG  . PRO B 2 2  ? -7.601  -1.717  -6.137  0.50 11.57 ? 2   PRO B CG  1 
ATOM   495 C CD  . PRO B 2 2  ? -6.620  -1.210  -7.149  0.50 11.49 ? 2   PRO B CD  1 
ATOM   496 N N   . ALA B 2 3  ? -10.105 0.623   -8.614  0.50 13.20 ? 3   ALA B N   1 
ATOM   497 C CA  . ALA B 2 3  ? -11.142 1.833   -8.967  0.50 13.82 ? 3   ALA B CA  1 
ATOM   498 C C   . ALA B 2 3  ? -12.690 1.691   -8.857  0.50 13.73 ? 3   ALA B C   1 
ATOM   499 O O   . ALA B 2 3  ? -13.394 1.650   -9.926  0.50 14.09 ? 3   ALA B O   1 
ATOM   500 C CB  . ALA B 2 3  ? -10.913 2.390   -10.313 0.50 13.81 ? 3   ALA B CB  1 
ATOM   501 N N   . TYR B 2 4  ? -12.778 1.823   -7.661  0.50 13.66 ? 4   TYR B N   1 
ATOM   502 C CA  . TYR B 2 4  ? -13.701 1.615   -6.696  0.50 12.69 ? 4   TYR B CA  1 
ATOM   503 C C   . TYR B 2 4  ? -12.814 2.485   -5.726  0.50 12.85 ? 4   TYR B C   1 
ATOM   504 O O   . TYR B 2 4  ? -11.683 2.149   -5.415  0.50 14.91 ? 4   TYR B O   1 
ATOM   505 C CB  . TYR B 2 4  ? -13.495 0.128   -6.851  0.50 13.63 ? 4   TYR B CB  1 
ATOM   506 C CG  . TYR B 2 4  ? -13.891 -0.763  -5.801  0.50 15.25 ? 4   TYR B CG  1 
ATOM   507 C CD1 . TYR B 2 4  ? -13.397 -0.593  -4.530  0.50 15.97 ? 4   TYR B CD1 1 
ATOM   508 C CD2 . TYR B 2 4  ? -14.724 -1.760  -6.199  0.50 16.68 ? 4   TYR B CD2 1 
ATOM   509 C CE1 . TYR B 2 4  ? -13.891 -1.444  -3.567  0.50 15.04 ? 4   TYR B CE1 1 
ATOM   510 C CE2 . TYR B 2 4  ? -15.190 -2.614  -5.266  0.50 16.35 ? 4   TYR B CE2 1 
ATOM   511 C CZ  . TYR B 2 4  ? -14.797 -2.449  -3.941  0.50 16.88 ? 4   TYR B CZ  1 
ATOM   512 O OH  . TYR B 2 4  ? -15.313 -3.255  -2.999  0.50 14.45 ? 4   TYR B OH  1 
ATOM   513 N N   . PRO B 2 5  ? -13.208 3.646   -5.190  0.50 12.61 ? 5   PRO B N   1 
ATOM   514 C CA  . PRO B 2 5  ? -12.227 4.600   -4.471  0.50 12.45 ? 5   PRO B CA  1 
ATOM   515 C C   . PRO B 2 5  ? -11.534 4.186   -3.203  0.50 11.87 ? 5   PRO B C   1 
ATOM   516 O O   . PRO B 2 5  ? -12.238 3.660   -2.261  0.50 9.92  ? 5   PRO B O   1 
ATOM   517 C CB  . PRO B 2 5  ? -13.152 5.745   -4.109  0.50 10.63 ? 5   PRO B CB  1 
ATOM   518 C CG  . PRO B 2 5  ? -14.589 5.400   -4.577  0.50 10.07 ? 5   PRO B CG  1 
ATOM   519 C CD  . PRO B 2 5  ? -14.609 4.073   -5.245  0.50 10.53 ? 5   PRO B CD  1 
ATOM   520 N N   . PRO B 2 6  ? -10.186 4.378   -3.059  0.50 11.96 ? 6   PRO B N   1 
ATOM   521 C CA  . PRO B 2 6  ? -9.553  4.074   -1.813  0.50 11.07 ? 6   PRO B CA  1 
ATOM   522 C C   . PRO B 2 6  ? -10.459 4.777   -0.781  0.50 10.89 ? 6   PRO B C   1 
ATOM   523 O O   . PRO B 2 6  ? -10.864 5.937   -0.980  0.50 12.45 ? 6   PRO B O   1 
ATOM   524 C CB  . PRO B 2 6  ? -8.128  4.537   -1.981  0.50 11.29 ? 6   PRO B CB  1 
ATOM   525 C CG  . PRO B 2 6  ? -7.970  5.020   -3.404  0.50 11.17 ? 6   PRO B CG  1 
ATOM   526 C CD  . PRO B 2 6  ? -9.302  4.908   -4.102  0.50 10.77 ? 6   PRO B CD  1 
ATOM   527 N N   . PRO B 2 7  ? -10.801 4.088   0.320   0.50 9.39  ? 7   PRO B N   1 
ATOM   528 C CA  . PRO B 2 7  ? -11.656 4.722   1.324   0.50 9.66  ? 7   PRO B CA  1 
ATOM   529 C C   . PRO B 2 7  ? -10.874 5.852   1.970   0.50 10.44 ? 7   PRO B C   1 
ATOM   530 O O   . PRO B 2 7  ? -9.657  5.740   2.132   0.50 10.50 ? 7   PRO B O   1 
ATOM   531 C CB  . PRO B 2 7  ? -11.937 3.582   2.302   0.50 10.19 ? 7   PRO B CB  1 
ATOM   532 C CG  . PRO B 2 7  ? -10.717 2.732   2.206   0.50 8.49  ? 7   PRO B CG  1 
ATOM   533 C CD  . PRO B 2 7  ? -10.438 2.718   0.726   0.50 9.69  ? 7   PRO B CD  1 
ATOM   534 N N   . PRO B 2 8  ? -11.550 6.974   2.305   0.50 12.26 ? 8   PRO B N   1 
ATOM   535 C CA  . PRO B 2 8  ? -10.892 8.133   2.930   0.50 11.33 ? 8   PRO B CA  1 
ATOM   536 C C   . PRO B 2 8  ? -10.076 7.709   4.144   0.50 10.45 ? 8   PRO B C   1 
ATOM   537 O O   . PRO B 2 8  ? -10.385 6.696   4.785   0.50 11.11 ? 8   PRO B O   1 
ATOM   538 C CB  . PRO B 2 8  ? -12.077 9.019   3.347   0.50 9.36  ? 8   PRO B CB  1 
ATOM   539 C CG  . PRO B 2 8  ? -13.084 8.729   2.312   0.50 11.35 ? 8   PRO B CG  1 
ATOM   540 C CD  . PRO B 2 8  ? -12.999 7.217   2.174   0.50 11.57 ? 8   PRO B CD  1 
ATOM   541 N N   . VAL B 2 9  ? -9.033  8.473   4.456   0.50 9.18  ? 9   VAL B N   1 
ATOM   542 C CA  . VAL B 2 9  ? -8.205  8.145   5.607   0.50 11.15 ? 9   VAL B CA  1 
ATOM   543 C C   . VAL B 2 9  ? -9.055  8.315   6.872   0.50 12.29 ? 9   VAL B C   1 
ATOM   544 O O   . VAL B 2 9  ? -10.063 9.045   6.866   0.50 12.16 ? 9   VAL B O   1 
ATOM   545 C CB  . VAL B 2 9  ? -6.929  9.024   5.712   0.50 9.95  ? 9   VAL B CB  1 
ATOM   546 C CG1 . VAL B 2 9  ? -5.727  8.154   5.952   0.50 10.26 ? 9   VAL B CG1 1 
ATOM   547 C CG2 . VAL B 2 9  ? -6.722  9.849   4.467   0.50 11.51 ? 9   VAL B CG2 1 
ATOM   548 N N   . PRO B 2 10 ? -8.760  7.520   7.910   0.50 12.58 ? 10  PRO B N   1 
ATOM   549 C CA  . PRO B 2 10 ? -9.516  7.622   9.157   0.50 13.16 ? 10  PRO B CA  1 
ATOM   550 C C   . PRO B 2 10 ? -9.234  8.935   9.911   0.50 14.18 ? 10  PRO B C   1 
ATOM   551 O O   . PRO B 2 10 ? -10.141 9.349   10.667  0.50 14.37 ? 10  PRO B O   1 
ATOM   552 C CB  . PRO B 2 10 ? -9.054  6.384   9.931   0.50 11.76 ? 10  PRO B CB  1 
ATOM   553 C CG  . PRO B 2 10 ? -7.688  6.145   9.399   0.50 11.89 ? 10  PRO B CG  1 
ATOM   554 C CD  . PRO B 2 10 ? -7.898  6.330   7.932   0.50 11.79 ? 10  PRO B CD  1 
ATOM   555 O OXT . PRO B 2 10 ? -8.150  9.550   9.708   0.50 11.65 ? 10  PRO B OXT 1 
HETATM 556 O O   . HOH C 3 .  ? 0.253   -9.484  2.131   1.00 21.09 ? 1   HOH A O   1 
HETATM 557 O O   . HOH C 3 .  ? 8.516   2.623   -7.015  1.00 28.92 ? 2   HOH A O   1 
HETATM 558 O O   . HOH C 3 .  ? 0.261   3.258   -9.117  1.00 7.19  ? 3   HOH A O   1 
HETATM 559 O O   . HOH C 3 .  ? -0.083  -7.061  3.051   1.00 26.55 ? 4   HOH A O   1 
HETATM 560 O O   . HOH C 3 .  ? 6.335   9.957   7.344   1.00 46.95 ? 5   HOH A O   1 
HETATM 561 O O   . HOH C 3 .  ? -2.572  -4.547  13.489  1.00 18.50 ? 6   HOH A O   1 
HETATM 562 O O   . HOH C 3 .  ? 2.805   -4.663  12.678  1.00 27.40 ? 7   HOH A O   1 
HETATM 563 O O   . HOH C 3 .  ? 1.637   8.592   -6.319  1.00 28.93 ? 8   HOH A O   1 
HETATM 564 O O   . HOH C 3 .  ? 2.739   -7.023  9.972   1.00 29.76 ? 9   HOH A O   1 
HETATM 565 O O   . HOH C 3 .  ? -6.207  -10.471 6.513   1.00 20.86 ? 10  HOH A O   1 
HETATM 566 O O   . HOH C 3 .  ? -4.202  -8.115  -12.276 1.00 21.25 ? 11  HOH A O   1 
HETATM 567 O O   . HOH C 3 .  ? 6.960   -2.837  11.817  1.00 26.70 ? 12  HOH A O   1 
HETATM 568 O O   . HOH C 3 .  ? 5.704   -5.838  10.846  1.00 28.08 ? 13  HOH A O   1 
HETATM 569 O O   . HOH C 3 .  ? 6.771   -5.709  7.392   1.00 12.72 ? 14  HOH A O   1 
HETATM 570 O O   . HOH C 3 .  ? -3.155  1.263   -14.740 1.00 48.69 ? 15  HOH A O   1 
HETATM 571 O O   . HOH C 3 .  ? -0.109  0.274   -11.486 1.00 45.70 ? 16  HOH A O   1 
HETATM 572 O O   . HOH C 3 .  ? -9.927  3.898   -8.838  1.00 45.44 ? 17  HOH A O   1 
HETATM 573 O O   . HOH C 3 .  ? -0.573  -6.195  -11.026 1.00 47.21 ? 18  HOH A O   1 
HETATM 574 O O   . HOH C 3 .  ? 10.692  -9.756  1.025   1.00 36.42 ? 19  HOH A O   1 
HETATM 575 O O   . HOH C 3 .  ? 11.172  -6.647  -2.355  1.00 29.68 ? 20  HOH A O   1 
HETATM 576 O O   . HOH C 3 .  ? 9.304   -5.875  7.609   1.00 38.04 ? 21  HOH A O   1 
HETATM 577 O O   . HOH C 3 .  ? -9.739  1.358   7.536   1.00 38.54 ? 22  HOH A O   1 
HETATM 578 O O   . HOH C 3 .  ? -8.945  -10.697 4.466   1.00 44.67 ? 23  HOH A O   1 
HETATM 579 O O   . HOH C 3 .  ? -13.931 -7.064  4.050   1.00 43.19 ? 24  HOH A O   1 
HETATM 580 O O   . HOH C 3 .  ? -7.075  -13.606 -13.881 1.00 43.03 ? 25  HOH A O   1 
HETATM 581 O O   . HOH C 3 .  ? -9.681  -5.916  -12.699 1.00 47.97 ? 26  HOH A O   1 
HETATM 582 O O   . HOH C 3 .  ? -6.817  -9.922  -1.062  1.00 40.79 ? 28  HOH A O   1 
HETATM 583 O O   . HOH C 3 .  ? -4.537  -10.062 0.427   1.00 28.94 ? 29  HOH A O   1 
HETATM 584 O O   . HOH C 3 .  ? -11.884 -4.949  13.035  1.00 52.17 ? 30  HOH A O   1 
HETATM 585 O O   . HOH C 3 .  ? 5.219   -8.815  14.647  1.00 35.74 ? 31  HOH A O   1 
HETATM 586 O O   . HOH C 3 .  ? 1.977   -2.374  -14.957 1.00 27.79 ? 32  HOH A O   1 
HETATM 587 O O   . HOH C 3 .  ? -4.008  9.803   -10.422 1.00 29.63 ? 33  HOH A O   1 
HETATM 588 O O   . HOH C 3 .  ? 11.916  -4.355  6.817   1.00 50.37 ? 34  HOH A O   1 
HETATM 589 O O   . HOH C 3 .  ? 13.964  3.851   2.785   1.00 23.12 ? 35  HOH A O   1 
HETATM 590 O O   . HOH C 3 .  ? -1.442  -3.219  -16.791 1.00 33.70 ? 36  HOH A O   1 
HETATM 591 O O   . HOH C 3 .  ? -11.905 -10.973 -0.056  1.00 35.44 ? 37  HOH A O   1 
HETATM 592 O O   . HOH D 3 .  ? -11.713 -3.767  -9.880  1.00 35.03 ? 27  HOH B O   1 
# 
